data_5KNQ
#
_entry.id   5KNQ
#
_cell.length_a   56.262
_cell.length_b   85.507
_cell.length_c   81.468
_cell.angle_alpha   90.000
_cell.angle_beta   107.220
_cell.angle_gamma   90.000
#
_symmetry.space_group_name_H-M   'P 1 21 1'
#
loop_
_entity.id
_entity.type
_entity.pdbx_description
1 polymer 'Hypoxanthine-guanine phosphoribosyltransferase'
2 non-polymer '[(3~{S},4~{R})-4-(2-azanyl-6-oxidanylidene-1~{H}-purin-9-yl)pyrrolidin-3-yl]oxymethylphosphonic acid'
3 non-polymer 'MAGNESIUM ION'
4 non-polymer 'PYROPHOSPHATE 2-'
5 water water
#
_entity_poly.entity_id   1
_entity_poly.type   'polypeptide(L)'
_entity_poly.pdbx_seq_one_letter_code
;HHHHHHHVTQSSSAITPGQTAELYPGDIKSVLLTAEQIQARIAELGEQIGNDYRELSATTGQDLLLITVLKGAVLFVTDL
ARAIPVPTQFEFMAVSSYGSSTSSSGVVRILKDLDRDIHGRDVLIVEDVVDSGLTLSWLSRNLTSRNPRSLRVCTLLRKP
DAVHANVEIAYVGFDIPNDFVVGYGLDYDERYRDLSYIGTLDPRVYQ
;
_entity_poly.pdbx_strand_id   A,B,C,D
#
# COMPACT_ATOMS: atom_id res chain seq x y z
N GLU A 22 -34.01 11.33 9.94
CA GLU A 22 -34.16 11.15 8.50
C GLU A 22 -33.31 9.96 8.03
N LEU A 23 -32.02 10.18 7.83
CA LEU A 23 -31.13 9.15 7.31
C LEU A 23 -31.03 7.94 8.23
N TYR A 24 -30.71 8.19 9.50
CA TYR A 24 -30.57 7.12 10.47
C TYR A 24 -31.54 7.33 11.64
N PRO A 25 -32.80 6.91 11.46
CA PRO A 25 -33.84 7.08 12.47
C PRO A 25 -33.50 6.42 13.80
N GLY A 26 -33.29 7.22 14.83
CA GLY A 26 -33.15 6.71 16.19
C GLY A 26 -31.75 6.59 16.75
N ASP A 27 -30.75 6.49 15.88
CA ASP A 27 -29.39 6.27 16.37
C ASP A 27 -28.69 7.54 16.86
N ILE A 28 -29.10 8.69 16.32
CA ILE A 28 -28.50 9.95 16.76
C ILE A 28 -29.26 10.50 17.97
N LYS A 29 -28.60 10.47 19.12
CA LYS A 29 -29.18 10.91 20.38
C LYS A 29 -29.50 12.40 20.37
N SER A 30 -28.47 13.21 20.15
CA SER A 30 -28.64 14.66 20.04
C SER A 30 -27.62 15.24 19.07
N VAL A 31 -27.98 16.34 18.41
CA VAL A 31 -27.07 17.04 17.52
C VAL A 31 -26.08 17.86 18.32
N LEU A 32 -24.80 17.76 17.96
CA LEU A 32 -23.75 18.52 18.62
C LEU A 32 -23.36 19.74 17.78
N LEU A 33 -23.18 19.52 16.48
CA LEU A 33 -22.83 20.60 15.56
C LEU A 33 -23.67 20.52 14.29
N THR A 34 -24.41 21.59 14.00
CA THR A 34 -25.24 21.63 12.80
C THR A 34 -24.37 21.78 11.57
N ALA A 35 -24.93 21.45 10.40
CA ALA A 35 -24.22 21.59 9.14
C ALA A 35 -23.79 23.03 8.92
N GLU A 36 -24.66 23.96 9.27
CA GLU A 36 -24.38 25.39 9.13
C GLU A 36 -23.31 25.83 10.11
N GLN A 37 -23.32 25.21 11.30
N GLN A 37 -23.32 25.23 11.29
CA GLN A 37 -22.32 25.49 12.31
CA GLN A 37 -22.31 25.50 12.31
C GLN A 37 -20.93 25.07 11.82
C GLN A 37 -20.93 25.06 11.82
N ILE A 38 -20.87 23.89 11.21
CA ILE A 38 -19.61 23.36 10.70
C ILE A 38 -19.08 24.22 9.54
N GLN A 39 -19.96 24.56 8.60
CA GLN A 39 -19.56 25.34 7.44
C GLN A 39 -19.09 26.74 7.83
N ALA A 40 -19.76 27.35 8.80
CA ALA A 40 -19.39 28.69 9.27
C ALA A 40 -17.99 28.70 9.86
N ARG A 41 -17.68 27.68 10.67
CA ARG A 41 -16.37 27.58 11.32
C ARG A 41 -15.29 27.31 10.28
N ILE A 42 -15.61 26.51 9.27
CA ILE A 42 -14.65 26.18 8.22
C ILE A 42 -14.33 27.41 7.37
N ALA A 43 -15.33 28.23 7.10
CA ALA A 43 -15.10 29.49 6.40
C ALA A 43 -14.21 30.42 7.23
N GLU A 44 -14.32 30.32 8.56
CA GLU A 44 -13.45 31.08 9.46
C GLU A 44 -12.04 30.51 9.45
N LEU A 45 -11.94 29.18 9.52
CA LEU A 45 -10.64 28.50 9.47
C LEU A 45 -9.95 28.78 8.15
N GLY A 46 -10.73 28.87 7.08
CA GLY A 46 -10.21 29.11 5.75
C GLY A 46 -9.53 30.46 5.63
N GLU A 47 -10.17 31.49 6.19
CA GLU A 47 -9.63 32.84 6.14
C GLU A 47 -8.40 32.98 7.03
N GLN A 48 -8.44 32.36 8.21
CA GLN A 48 -7.34 32.46 9.15
C GLN A 48 -6.08 31.79 8.59
N ILE A 49 -6.23 30.54 8.17
CA ILE A 49 -5.17 29.80 7.50
C ILE A 49 -4.69 30.56 6.28
N GLY A 50 -5.64 31.09 5.51
CA GLY A 50 -5.34 31.88 4.32
C GLY A 50 -4.42 33.05 4.61
N ASN A 51 -4.74 33.82 5.64
CA ASN A 51 -3.93 34.97 6.02
C ASN A 51 -2.54 34.56 6.51
N ASP A 52 -2.48 33.44 7.23
CA ASP A 52 -1.21 32.92 7.72
C ASP A 52 -0.29 32.46 6.59
N TYR A 53 -0.88 32.00 5.49
CA TYR A 53 -0.11 31.48 4.38
C TYR A 53 -0.18 32.35 3.13
N ARG A 54 -0.86 33.50 3.22
CA ARG A 54 -0.87 34.46 2.13
C ARG A 54 0.51 35.10 2.03
N GLU A 55 1.43 34.37 1.41
CA GLU A 55 2.85 34.73 1.32
C GLU A 55 3.58 33.69 0.49
N LEU A 56 2.97 32.51 0.39
CA LEU A 56 3.61 31.33 -0.15
C LEU A 56 3.84 31.38 -1.65
N SER A 57 2.91 32.01 -2.37
CA SER A 57 3.03 32.13 -3.82
C SER A 57 4.28 32.92 -4.20
N ALA A 58 4.52 34.00 -3.47
CA ALA A 58 5.71 34.82 -3.69
C ALA A 58 6.96 34.12 -3.20
N THR A 59 7.23 34.24 -1.90
CA THR A 59 8.46 33.75 -1.27
C THR A 59 8.89 32.35 -1.69
N THR A 60 8.07 31.36 -1.34
CA THR A 60 8.41 29.96 -1.62
C THR A 60 8.12 29.56 -3.06
N GLY A 61 6.94 29.96 -3.55
CA GLY A 61 6.54 29.62 -4.91
C GLY A 61 5.69 28.37 -4.99
N GLN A 62 5.62 27.64 -3.88
CA GLN A 62 4.85 26.39 -3.84
C GLN A 62 3.52 26.59 -3.12
N ASP A 63 2.59 25.68 -3.35
CA ASP A 63 1.26 25.79 -2.75
C ASP A 63 1.23 25.16 -1.36
N LEU A 64 0.30 25.62 -0.53
CA LEU A 64 0.03 24.99 0.75
C LEU A 64 -0.38 23.55 0.52
N LEU A 65 0.25 22.62 1.24
CA LEU A 65 -0.02 21.21 1.05
C LEU A 65 -0.81 20.62 2.21
N LEU A 66 -2.05 20.20 1.93
CA LEU A 66 -2.90 19.57 2.93
C LEU A 66 -2.70 18.06 2.93
N ILE A 67 -2.16 17.54 4.03
CA ILE A 67 -1.99 16.10 4.19
C ILE A 67 -3.08 15.54 5.10
N THR A 68 -3.85 14.59 4.59
CA THR A 68 -4.97 14.03 5.35
C THR A 68 -4.88 12.52 5.48
N VAL A 69 -5.13 12.02 6.68
CA VAL A 69 -5.18 10.58 6.92
C VAL A 69 -6.60 10.04 6.73
N LEU A 70 -6.74 9.06 5.86
CA LEU A 70 -8.04 8.49 5.54
C LEU A 70 -8.67 7.78 6.73
N LYS A 71 -9.99 7.91 6.90
CA LYS A 71 -10.81 8.69 5.97
C LYS A 71 -11.83 9.56 6.70
N GLY A 72 -11.67 9.70 8.00
CA GLY A 72 -12.58 10.52 8.79
C GLY A 72 -12.60 11.98 8.40
N ALA A 73 -11.52 12.47 7.81
CA ALA A 73 -11.38 13.90 7.54
C ALA A 73 -11.46 14.27 6.06
N VAL A 74 -11.99 13.38 5.22
CA VAL A 74 -12.11 13.71 3.78
C VAL A 74 -13.12 14.83 3.55
N LEU A 75 -14.30 14.71 4.15
CA LEU A 75 -15.32 15.75 4.03
C LEU A 75 -14.76 17.07 4.54
N PHE A 76 -14.01 16.99 5.63
CA PHE A 76 -13.42 18.18 6.22
C PHE A 76 -12.39 18.82 5.30
N VAL A 77 -11.48 18.02 4.75
CA VAL A 77 -10.43 18.58 3.92
C VAL A 77 -10.96 19.14 2.58
N THR A 78 -12.00 18.52 2.01
CA THR A 78 -12.55 19.02 0.74
C THR A 78 -13.27 20.35 0.94
N ASP A 79 -13.97 20.50 2.06
CA ASP A 79 -14.62 21.77 2.37
C ASP A 79 -13.59 22.81 2.78
N LEU A 80 -12.59 22.38 3.54
CA LEU A 80 -11.56 23.29 4.04
C LEU A 80 -10.75 23.88 2.89
N ALA A 81 -10.31 23.01 1.97
CA ALA A 81 -9.52 23.45 0.83
C ALA A 81 -10.23 24.51 0.01
N ARG A 82 -11.55 24.38 -0.11
CA ARG A 82 -12.34 25.35 -0.85
C ARG A 82 -12.53 26.64 -0.05
N ALA A 83 -12.38 26.55 1.26
CA ALA A 83 -12.55 27.72 2.13
C ALA A 83 -11.23 28.50 2.29
N ILE A 84 -10.12 27.91 1.86
CA ILE A 84 -8.83 28.58 1.92
C ILE A 84 -8.54 29.35 0.63
N PRO A 85 -8.43 30.68 0.73
CA PRO A 85 -8.23 31.55 -0.43
C PRO A 85 -6.78 31.66 -0.92
N VAL A 86 -6.02 30.58 -0.80
CA VAL A 86 -4.70 30.49 -1.44
C VAL A 86 -4.61 29.12 -2.10
N PRO A 87 -3.75 28.98 -3.13
CA PRO A 87 -3.63 27.68 -3.81
C PRO A 87 -3.33 26.54 -2.84
N THR A 88 -3.99 25.41 -3.05
CA THR A 88 -3.96 24.30 -2.10
C THR A 88 -3.86 22.95 -2.81
N GLN A 89 -2.97 22.08 -2.34
CA GLN A 89 -2.84 20.74 -2.90
C GLN A 89 -3.23 19.66 -1.89
N PHE A 90 -3.60 18.49 -2.42
CA PHE A 90 -4.04 17.37 -1.60
C PHE A 90 -3.02 16.24 -1.54
N GLU A 91 -2.86 15.68 -0.35
CA GLU A 91 -2.14 14.43 -0.18
C GLU A 91 -2.87 13.55 0.82
N PHE A 92 -3.00 12.27 0.51
CA PHE A 92 -3.74 11.37 1.37
C PHE A 92 -2.86 10.24 1.86
N MET A 93 -3.05 9.88 3.13
CA MET A 93 -2.40 8.71 3.68
C MET A 93 -3.44 7.72 4.13
N ALA A 94 -3.14 6.43 4.00
CA ALA A 94 -3.95 5.40 4.62
C ALA A 94 -3.07 4.64 5.62
N VAL A 95 -3.56 4.51 6.84
CA VAL A 95 -2.81 3.78 7.86
C VAL A 95 -3.66 2.66 8.46
N SER A 96 -3.01 1.82 9.24
CA SER A 96 -3.68 0.70 9.88
C SER A 96 -3.10 0.48 11.26
N SER A 97 -3.90 -0.07 12.17
CA SER A 97 -3.44 -0.34 13.52
C SER A 97 -2.58 -1.61 13.56
N TYR A 98 -1.63 -1.65 14.48
CA TYR A 98 -0.81 -2.84 14.68
C TYR A 98 -1.39 -3.69 15.79
N GLY A 99 -2.11 -3.06 16.71
CA GLY A 99 -2.74 -3.78 17.81
C GLY A 99 -2.70 -2.98 19.09
N SER A 100 -2.17 -3.59 20.16
CA SER A 100 -2.03 -2.91 21.43
C SER A 100 -0.82 -1.98 21.41
N SER A 101 -0.07 -2.05 20.32
CA SER A 101 1.14 -1.25 20.15
C SER A 101 0.81 0.11 19.54
N THR A 102 -0.24 0.13 18.72
CA THR A 102 -0.75 1.37 18.17
C THR A 102 -1.39 2.19 19.29
N SER A 103 -2.05 1.49 20.20
CA SER A 103 -2.75 2.14 21.31
C SER A 103 -1.81 2.48 22.46
N SER A 104 -0.52 2.22 22.28
CA SER A 104 0.45 2.49 23.33
C SER A 104 1.53 3.47 22.88
N SER A 105 1.96 3.34 21.62
CA SER A 105 3.02 4.20 21.09
C SER A 105 2.50 5.14 20.02
N GLY A 106 1.43 4.74 19.34
CA GLY A 106 0.86 5.53 18.28
C GLY A 106 1.30 5.05 16.91
N VAL A 107 2.31 4.17 16.90
CA VAL A 107 2.85 3.65 15.65
C VAL A 107 1.78 2.89 14.85
N VAL A 108 1.63 3.26 13.59
CA VAL A 108 0.64 2.63 12.73
C VAL A 108 1.29 2.05 11.48
N ARG A 109 0.66 1.03 10.93
CA ARG A 109 1.09 0.45 9.66
C ARG A 109 0.69 1.38 8.53
N ILE A 110 1.65 1.73 7.67
CA ILE A 110 1.33 2.57 6.52
C ILE A 110 0.85 1.71 5.36
N LEU A 111 -0.39 1.96 4.92
CA LEU A 111 -0.97 1.23 3.80
C LEU A 111 -0.87 2.05 2.51
N LYS A 112 -0.81 3.37 2.68
CA LYS A 112 -0.72 4.29 1.56
C LYS A 112 0.06 5.53 1.99
N ASP A 113 1.24 5.69 1.40
CA ASP A 113 2.14 6.78 1.75
C ASP A 113 1.86 7.98 0.84
N LEU A 114 2.54 9.09 1.11
CA LEU A 114 2.44 10.28 0.27
C LEU A 114 2.92 9.97 -1.15
N ASP A 115 2.26 10.54 -2.15
CA ASP A 115 2.65 10.33 -3.54
C ASP A 115 3.95 11.06 -3.85
N ARG A 116 4.16 12.19 -3.19
CA ARG A 116 5.32 13.03 -3.45
C ARG A 116 5.99 13.47 -2.16
N ASP A 117 7.31 13.70 -2.23
CA ASP A 117 8.07 14.12 -1.06
C ASP A 117 7.68 15.54 -0.64
N ILE A 118 7.70 15.79 0.66
CA ILE A 118 7.30 17.09 1.18
C ILE A 118 8.50 17.97 1.53
N HIS A 119 9.64 17.66 0.93
CA HIS A 119 10.87 18.42 1.19
C HIS A 119 10.70 19.87 0.81
N GLY A 120 10.89 20.77 1.76
CA GLY A 120 10.79 22.20 1.52
C GLY A 120 9.37 22.68 1.30
N ARG A 121 8.39 21.84 1.61
CA ARG A 121 6.99 22.21 1.44
C ARG A 121 6.41 22.73 2.75
N ASP A 122 5.44 23.63 2.64
CA ASP A 122 4.68 24.09 3.80
C ASP A 122 3.49 23.18 3.98
N VAL A 123 3.50 22.41 5.06
CA VAL A 123 2.57 21.30 5.21
C VAL A 123 1.59 21.52 6.35
N LEU A 124 0.31 21.32 6.06
CA LEU A 124 -0.73 21.42 7.06
C LEU A 124 -1.45 20.09 7.21
N ILE A 125 -1.25 19.42 8.34
CA ILE A 125 -1.97 18.19 8.64
C ILE A 125 -3.43 18.53 8.93
N VAL A 126 -4.33 17.83 8.24
CA VAL A 126 -5.76 18.07 8.43
C VAL A 126 -6.40 16.87 9.12
N GLU A 127 -6.88 17.08 10.34
CA GLU A 127 -7.43 15.99 11.13
C GLU A 127 -8.92 16.19 11.42
N ASP A 128 -9.63 15.09 11.62
CA ASP A 128 -11.04 15.15 11.98
C ASP A 128 -11.21 15.34 13.49
N VAL A 129 -10.58 14.46 14.27
CA VAL A 129 -10.68 14.50 15.73
C VAL A 129 -9.35 14.18 16.39
N VAL A 130 -8.98 14.99 17.38
CA VAL A 130 -7.82 14.69 18.22
C VAL A 130 -8.29 14.36 19.64
N ASP A 131 -8.06 13.12 20.04
CA ASP A 131 -8.46 12.65 21.38
C ASP A 131 -7.22 12.37 22.21
N SER A 132 -6.70 11.14 22.12
CA SER A 132 -5.44 10.81 22.76
C SER A 132 -4.30 11.49 22.03
N GLY A 133 -4.45 11.65 20.72
CA GLY A 133 -3.46 12.33 19.91
C GLY A 133 -2.20 11.51 19.66
N LEU A 134 -2.26 10.23 19.99
CA LEU A 134 -1.08 9.37 19.95
C LEU A 134 -0.59 9.15 18.52
N THR A 135 -1.51 8.83 17.61
CA THR A 135 -1.15 8.59 16.21
C THR A 135 -0.76 9.90 15.52
N LEU A 136 -1.40 10.99 15.91
CA LEU A 136 -1.05 12.31 15.38
C LEU A 136 0.39 12.67 15.75
N SER A 137 0.77 12.37 16.97
CA SER A 137 2.12 12.64 17.47
C SER A 137 3.15 11.88 16.63
N TRP A 138 2.89 10.61 16.42
CA TRP A 138 3.78 9.76 15.64
C TRP A 138 3.86 10.24 14.19
N LEU A 139 2.70 10.56 13.61
CA LEU A 139 2.63 11.03 12.23
C LEU A 139 3.43 12.32 12.02
N SER A 140 3.22 13.30 12.89
CA SER A 140 3.91 14.57 12.81
C SER A 140 5.43 14.40 12.87
N ARG A 141 5.87 13.50 13.75
CA ARG A 141 7.29 13.20 13.86
C ARG A 141 7.77 12.51 12.59
N ASN A 142 6.92 11.68 12.02
CA ASN A 142 7.23 11.02 10.75
C ASN A 142 7.42 12.03 9.64
N LEU A 143 6.48 12.96 9.53
CA LEU A 143 6.51 13.95 8.46
C LEU A 143 7.65 14.94 8.61
N THR A 144 7.93 15.34 9.84
CA THR A 144 9.01 16.30 10.11
C THR A 144 10.36 15.74 9.65
N SER A 145 10.53 14.42 9.80
CA SER A 145 11.77 13.76 9.38
C SER A 145 11.99 13.83 7.87
N ARG A 146 10.96 14.24 7.13
CA ARG A 146 11.09 14.42 5.69
C ARG A 146 11.47 15.87 5.36
N ASN A 147 11.82 16.61 6.41
CA ASN A 147 12.20 18.02 6.32
C ASN A 147 11.25 18.89 5.49
N PRO A 148 9.99 19.03 5.96
CA PRO A 148 9.12 20.04 5.35
C PRO A 148 9.64 21.43 5.70
N ARG A 149 9.29 22.44 4.91
CA ARG A 149 9.67 23.81 5.25
C ARG A 149 8.95 24.21 6.54
N SER A 150 7.67 23.89 6.61
CA SER A 150 6.88 24.09 7.82
C SER A 150 5.89 22.95 8.00
N LEU A 151 5.44 22.73 9.24
CA LEU A 151 4.45 21.71 9.53
C LEU A 151 3.53 22.16 10.65
N ARG A 152 2.22 22.09 10.42
CA ARG A 152 1.23 22.44 11.42
C ARG A 152 0.05 21.49 11.36
N VAL A 153 -0.79 21.53 12.39
CA VAL A 153 -1.95 20.66 12.46
C VAL A 153 -3.24 21.47 12.50
N CYS A 154 -4.23 21.04 11.71
CA CYS A 154 -5.57 21.60 11.78
C CYS A 154 -6.59 20.50 11.97
N THR A 155 -7.20 20.46 13.14
CA THR A 155 -8.23 19.48 13.43
C THR A 155 -9.61 20.15 13.44
N LEU A 156 -10.65 19.39 13.11
CA LEU A 156 -12.00 19.92 13.18
C LEU A 156 -12.48 19.86 14.63
N LEU A 157 -12.31 18.69 15.24
CA LEU A 157 -12.73 18.47 16.61
C LEU A 157 -11.54 18.18 17.50
N ARG A 158 -11.52 18.81 18.68
CA ARG A 158 -10.55 18.48 19.71
C ARG A 158 -11.30 18.04 20.97
N LYS A 159 -10.92 16.88 21.51
CA LYS A 159 -11.55 16.35 22.71
C LYS A 159 -10.66 16.63 23.93
N PRO A 160 -11.24 16.61 25.15
CA PRO A 160 -10.51 17.00 26.37
C PRO A 160 -9.18 16.28 26.64
N ASP A 161 -9.06 15.02 26.25
CA ASP A 161 -7.83 14.26 26.50
C ASP A 161 -6.64 14.72 25.65
N ALA A 162 -6.88 15.65 24.73
CA ALA A 162 -5.83 16.17 23.86
C ALA A 162 -4.90 17.09 24.65
N VAL A 163 -5.33 17.45 25.85
CA VAL A 163 -4.53 18.28 26.75
C VAL A 163 -3.23 17.57 27.12
N HIS A 164 -3.29 16.24 27.18
CA HIS A 164 -2.13 15.41 27.55
C HIS A 164 -1.45 14.76 26.35
N ALA A 165 -1.56 15.37 25.17
CA ALA A 165 -1.10 14.73 23.94
C ALA A 165 0.27 15.23 23.45
N ASN A 166 0.64 16.44 23.88
CA ASN A 166 1.93 17.05 23.55
C ASN A 166 2.12 17.37 22.06
N VAL A 167 1.05 17.31 21.29
CA VAL A 167 1.09 17.80 19.91
C VAL A 167 0.52 19.21 19.87
N GLU A 168 1.24 20.13 19.24
CA GLU A 168 0.77 21.50 19.11
C GLU A 168 -0.22 21.62 17.95
N ILE A 169 -1.42 22.14 18.24
CA ILE A 169 -2.43 22.31 17.22
C ILE A 169 -2.70 23.80 16.96
N ALA A 170 -2.34 24.27 15.79
CA ALA A 170 -2.46 25.69 15.46
C ALA A 170 -3.90 26.05 15.16
N TYR A 171 -4.67 25.09 14.66
CA TYR A 171 -6.04 25.37 14.22
C TYR A 171 -7.02 24.33 14.76
N VAL A 172 -7.96 24.81 15.59
CA VAL A 172 -8.99 23.95 16.16
C VAL A 172 -10.38 24.45 15.77
N GLY A 173 -11.16 23.60 15.15
CA GLY A 173 -12.52 23.96 14.77
C GLY A 173 -13.41 24.09 15.99
N PHE A 174 -13.55 23.00 16.73
CA PHE A 174 -14.41 22.96 17.89
C PHE A 174 -13.79 22.19 19.05
N ASP A 175 -13.95 22.72 20.26
CA ASP A 175 -13.66 21.95 21.46
C ASP A 175 -14.97 21.36 21.97
N ILE A 176 -15.01 20.04 22.10
CA ILE A 176 -16.22 19.34 22.49
C ILE A 176 -15.98 18.45 23.71
N PRO A 177 -17.05 17.97 24.36
CA PRO A 177 -16.84 17.05 25.48
C PRO A 177 -16.33 15.67 25.04
N ASN A 178 -16.21 14.76 26.01
CA ASN A 178 -15.57 13.47 25.79
C ASN A 178 -16.50 12.43 25.18
N ASP A 179 -17.74 12.82 24.91
CA ASP A 179 -18.73 11.90 24.37
C ASP A 179 -18.36 11.47 22.95
N PHE A 180 -18.71 10.24 22.60
CA PHE A 180 -18.41 9.71 21.28
C PHE A 180 -19.36 10.28 20.24
N VAL A 181 -18.80 10.87 19.18
CA VAL A 181 -19.61 11.51 18.16
C VAL A 181 -19.43 10.87 16.79
N VAL A 182 -20.43 11.02 15.93
CA VAL A 182 -20.36 10.55 14.56
C VAL A 182 -20.87 11.64 13.62
N GLY A 183 -20.68 11.46 12.33
CA GLY A 183 -21.15 12.42 11.35
C GLY A 183 -20.03 13.22 10.72
N TYR A 184 -20.30 13.79 9.56
CA TYR A 184 -19.33 14.63 8.84
C TYR A 184 -17.97 13.94 8.70
N GLY A 185 -17.98 12.71 8.20
CA GLY A 185 -16.76 11.96 8.00
C GLY A 185 -16.48 10.99 9.13
N LEU A 186 -16.95 11.31 10.32
CA LEU A 186 -16.75 10.47 11.50
C LEU A 186 -17.71 9.29 11.51
N ASP A 187 -17.23 8.13 11.94
CA ASP A 187 -18.01 6.91 11.81
C ASP A 187 -18.23 6.13 13.11
N TYR A 188 -19.12 5.15 13.01
CA TYR A 188 -19.12 4.00 13.90
C TYR A 188 -19.39 2.76 13.05
N ASP A 189 -18.38 1.89 12.95
CA ASP A 189 -18.44 0.74 12.07
C ASP A 189 -18.77 1.17 10.64
N GLU A 190 -18.06 2.21 10.19
CA GLU A 190 -18.15 2.75 8.83
C GLU A 190 -19.48 3.41 8.48
N ARG A 191 -20.32 3.65 9.47
CA ARG A 191 -21.60 4.32 9.21
C ARG A 191 -21.57 5.76 9.69
N TYR A 192 -22.55 6.55 9.23
CA TYR A 192 -22.76 7.94 9.64
C TYR A 192 -21.71 8.93 9.10
N ARG A 193 -20.78 8.47 8.28
CA ARG A 193 -19.79 9.39 7.70
C ARG A 193 -20.43 10.42 6.77
N ASP A 194 -21.56 10.06 6.18
CA ASP A 194 -22.19 10.89 5.15
C ASP A 194 -23.16 11.92 5.73
N LEU A 195 -23.23 12.01 7.05
CA LEU A 195 -24.08 13.02 7.70
C LEU A 195 -23.48 14.41 7.54
N SER A 196 -24.32 15.39 7.20
CA SER A 196 -23.85 16.75 7.00
C SER A 196 -23.61 17.45 8.33
N TYR A 197 -23.98 16.78 9.42
CA TYR A 197 -23.84 17.34 10.75
C TYR A 197 -23.20 16.33 11.70
N ILE A 198 -22.75 16.81 12.85
CA ILE A 198 -22.13 15.96 13.86
C ILE A 198 -23.04 15.79 15.07
N GLY A 199 -23.21 14.56 15.52
CA GLY A 199 -24.06 14.27 16.65
C GLY A 199 -23.53 13.12 17.50
N THR A 200 -24.27 12.79 18.56
CA THR A 200 -23.90 11.71 19.46
C THR A 200 -24.75 10.48 19.21
N LEU A 201 -24.20 9.30 19.51
CA LEU A 201 -24.88 8.04 19.26
C LEU A 201 -25.72 7.57 20.44
N ASP A 202 -26.91 7.07 20.13
CA ASP A 202 -27.74 6.40 21.14
C ASP A 202 -27.14 5.02 21.45
N PRO A 203 -26.94 4.73 22.75
CA PRO A 203 -26.35 3.48 23.25
C PRO A 203 -26.96 2.19 22.70
N ARG A 204 -28.09 2.30 22.01
CA ARG A 204 -28.67 1.14 21.34
C ARG A 204 -27.77 0.66 20.21
N VAL A 205 -26.87 1.52 19.77
CA VAL A 205 -25.95 1.21 18.68
C VAL A 205 -24.64 0.65 19.21
N TYR A 206 -24.26 1.05 20.43
CA TYR A 206 -22.99 0.66 21.03
C TYR A 206 -22.83 -0.85 21.16
N GLN A 207 -23.70 -1.47 21.96
CA GLN A 207 -23.64 -2.91 22.16
C GLN A 207 -24.10 -3.67 20.91
N GLU B 22 -8.69 34.97 -9.39
CA GLU B 22 -8.39 35.30 -8.01
C GLU B 22 -7.41 34.31 -7.40
N LEU B 23 -7.83 33.05 -7.28
CA LEU B 23 -6.99 32.01 -6.69
C LEU B 23 -5.76 31.76 -7.54
N TYR B 24 -5.98 31.57 -8.84
CA TYR B 24 -4.88 31.42 -9.79
C TYR B 24 -4.95 32.52 -10.84
N PRO B 25 -4.38 33.69 -10.53
CA PRO B 25 -4.48 34.89 -11.37
C PRO B 25 -3.92 34.69 -12.78
N GLY B 26 -4.80 34.45 -13.74
CA GLY B 26 -4.40 34.33 -15.13
C GLY B 26 -3.97 32.94 -15.56
N ASP B 27 -4.72 31.93 -15.12
CA ASP B 27 -4.44 30.55 -15.51
C ASP B 27 -5.69 29.90 -16.08
N ILE B 28 -6.85 30.38 -15.67
CA ILE B 28 -8.12 29.82 -16.11
C ILE B 28 -8.69 30.64 -17.27
N LYS B 29 -8.72 30.03 -18.44
CA LYS B 29 -9.19 30.71 -19.65
C LYS B 29 -10.67 31.07 -19.55
N SER B 30 -11.49 30.11 -19.17
CA SER B 30 -12.92 30.34 -19.02
C SER B 30 -13.54 29.34 -18.05
N VAL B 31 -14.68 29.71 -17.47
CA VAL B 31 -15.39 28.81 -16.57
C VAL B 31 -16.37 27.95 -17.36
N LEU B 32 -16.20 26.63 -17.24
CA LEU B 32 -17.07 25.69 -17.93
C LEU B 32 -18.30 25.39 -17.09
N LEU B 33 -18.08 25.10 -15.81
CA LEU B 33 -19.14 24.79 -14.87
C LEU B 33 -18.92 25.52 -13.56
N THR B 34 -19.83 26.41 -13.19
CA THR B 34 -19.70 27.15 -11.93
C THR B 34 -19.94 26.24 -10.74
N ALA B 35 -19.68 26.76 -9.55
CA ALA B 35 -19.90 26.02 -8.31
C ALA B 35 -21.38 25.74 -8.09
N GLU B 36 -22.21 26.78 -8.22
CA GLU B 36 -23.64 26.66 -8.04
C GLU B 36 -24.26 25.65 -9.02
N GLN B 37 -23.79 25.68 -10.27
CA GLN B 37 -24.22 24.71 -11.27
C GLN B 37 -23.82 23.28 -10.87
N ILE B 38 -22.58 23.11 -10.42
CA ILE B 38 -22.11 21.81 -9.98
C ILE B 38 -22.93 21.31 -8.79
N GLN B 39 -23.11 22.15 -7.78
CA GLN B 39 -23.88 21.76 -6.60
C GLN B 39 -25.33 21.45 -6.97
N ALA B 40 -25.91 22.25 -7.85
CA ALA B 40 -27.28 22.01 -8.29
C ALA B 40 -27.44 20.66 -9.00
N ARG B 41 -26.46 20.29 -9.82
CA ARG B 41 -26.52 19.03 -10.56
C ARG B 41 -26.33 17.82 -9.64
N ILE B 42 -25.43 17.96 -8.67
CA ILE B 42 -25.19 16.89 -7.70
C ILE B 42 -26.43 16.63 -6.86
N ALA B 43 -27.15 17.70 -6.52
CA ALA B 43 -28.38 17.60 -5.76
C ALA B 43 -29.42 16.71 -6.46
N GLU B 44 -29.55 16.85 -7.77
CA GLU B 44 -30.49 16.01 -8.52
C GLU B 44 -29.94 14.59 -8.65
N LEU B 45 -28.63 14.47 -8.85
CA LEU B 45 -28.00 13.17 -8.94
C LEU B 45 -28.22 12.38 -7.66
N GLY B 46 -28.04 13.05 -6.53
CA GLY B 46 -28.23 12.44 -5.23
C GLY B 46 -29.62 11.89 -5.04
N GLU B 47 -30.62 12.72 -5.31
CA GLU B 47 -32.01 12.33 -5.18
C GLU B 47 -32.37 11.20 -6.14
N GLN B 48 -31.83 11.26 -7.35
CA GLN B 48 -32.07 10.23 -8.35
C GLN B 48 -31.51 8.89 -7.88
N ILE B 49 -30.24 8.90 -7.50
CA ILE B 49 -29.58 7.73 -6.93
C ILE B 49 -30.34 7.25 -5.69
N GLY B 50 -30.79 8.19 -4.87
CA GLY B 50 -31.56 7.88 -3.69
C GLY B 50 -32.85 7.14 -3.98
N ASN B 51 -33.53 7.54 -5.05
CA ASN B 51 -34.77 6.87 -5.45
C ASN B 51 -34.52 5.46 -5.97
N ASP B 52 -33.42 5.28 -6.67
CA ASP B 52 -33.08 3.97 -7.22
C ASP B 52 -32.63 2.99 -6.14
N TYR B 53 -31.96 3.49 -5.11
CA TYR B 53 -31.48 2.64 -4.03
C TYR B 53 -32.31 2.79 -2.76
N ARG B 54 -33.56 3.21 -2.91
CA ARG B 54 -34.43 3.48 -1.78
C ARG B 54 -34.67 2.25 -0.90
N GLU B 55 -35.06 1.15 -1.53
CA GLU B 55 -35.35 -0.08 -0.79
C GLU B 55 -34.07 -0.84 -0.41
N LEU B 56 -33.12 -0.13 0.18
CA LEU B 56 -31.85 -0.73 0.60
C LEU B 56 -31.82 -0.98 2.10
N SER B 57 -32.21 0.02 2.88
CA SER B 57 -32.25 -0.10 4.32
C SER B 57 -33.32 -1.09 4.76
N ALA B 58 -34.08 -1.61 3.80
CA ALA B 58 -35.11 -2.60 4.06
C ALA B 58 -34.69 -3.98 3.56
N THR B 59 -34.66 -4.15 2.24
CA THR B 59 -34.43 -5.45 1.60
C THR B 59 -33.16 -6.15 2.06
N THR B 60 -32.01 -5.50 1.87
CA THR B 60 -30.73 -6.10 2.19
C THR B 60 -30.25 -5.70 3.59
N GLY B 61 -30.52 -4.47 4.00
CA GLY B 61 -30.13 -4.02 5.30
C GLY B 61 -28.67 -3.64 5.37
N GLN B 62 -28.11 -3.26 4.22
CA GLN B 62 -26.79 -2.62 4.19
C GLN B 62 -26.89 -1.31 3.43
N ASP B 63 -25.85 -0.48 3.55
CA ASP B 63 -25.88 0.86 2.98
C ASP B 63 -25.23 0.89 1.60
N LEU B 64 -25.69 1.82 0.77
CA LEU B 64 -25.10 2.05 -0.54
C LEU B 64 -23.62 2.35 -0.40
N LEU B 65 -22.79 1.63 -1.13
CA LEU B 65 -21.34 1.75 -0.97
C LEU B 65 -20.70 2.54 -2.11
N LEU B 66 -20.20 3.72 -1.79
CA LEU B 66 -19.50 4.53 -2.77
C LEU B 66 -18.01 4.17 -2.82
N ILE B 67 -17.54 3.82 -4.01
CA ILE B 67 -16.13 3.48 -4.20
C ILE B 67 -15.48 4.49 -5.13
N THR B 68 -14.42 5.13 -4.64
CA THR B 68 -13.76 6.20 -5.38
C THR B 68 -12.27 5.94 -5.52
N VAL B 69 -11.75 6.17 -6.72
CA VAL B 69 -10.31 6.09 -6.94
C VAL B 69 -9.69 7.47 -6.72
N LEU B 70 -8.71 7.52 -5.83
CA LEU B 70 -8.01 8.77 -5.53
C LEU B 70 -7.26 9.32 -6.75
N LYS B 71 -7.26 10.63 -6.92
CA LYS B 71 -7.88 11.55 -5.97
C LYS B 71 -8.68 12.66 -6.65
N GLY B 72 -8.94 12.50 -7.94
CA GLY B 72 -9.67 13.52 -8.69
C GLY B 72 -11.14 13.62 -8.34
N ALA B 73 -11.68 12.57 -7.72
CA ALA B 73 -13.12 12.52 -7.46
C ALA B 73 -13.45 12.64 -5.96
N VAL B 74 -12.51 13.16 -5.18
CA VAL B 74 -12.70 13.24 -3.73
C VAL B 74 -13.74 14.31 -3.35
N LEU B 75 -13.62 15.51 -3.93
CA LEU B 75 -14.62 16.55 -3.71
C LEU B 75 -16.01 16.08 -4.14
N PHE B 76 -16.07 15.41 -5.29
CA PHE B 76 -17.34 15.01 -5.87
C PHE B 76 -18.06 13.98 -4.99
N VAL B 77 -17.31 13.05 -4.42
CA VAL B 77 -17.93 12.00 -3.62
C VAL B 77 -18.35 12.52 -2.24
N THR B 78 -17.63 13.51 -1.71
CA THR B 78 -18.00 14.10 -0.43
C THR B 78 -19.31 14.87 -0.55
N ASP B 79 -19.51 15.54 -1.67
CA ASP B 79 -20.75 16.26 -1.92
C ASP B 79 -21.88 15.30 -2.29
N LEU B 80 -21.58 14.32 -3.13
CA LEU B 80 -22.56 13.34 -3.59
C LEU B 80 -23.15 12.54 -2.43
N ALA B 81 -22.27 12.07 -1.55
CA ALA B 81 -22.70 11.30 -0.39
C ALA B 81 -23.60 12.12 0.53
N ARG B 82 -23.38 13.44 0.55
CA ARG B 82 -24.22 14.33 1.34
C ARG B 82 -25.51 14.70 0.60
N ALA B 83 -25.54 14.44 -0.71
CA ALA B 83 -26.73 14.74 -1.51
C ALA B 83 -27.62 13.50 -1.68
N ILE B 84 -27.09 12.32 -1.33
CA ILE B 84 -27.87 11.09 -1.46
C ILE B 84 -28.67 10.81 -0.19
N PRO B 85 -30.00 10.84 -0.30
CA PRO B 85 -30.92 10.73 0.84
C PRO B 85 -31.07 9.32 1.41
N VAL B 86 -30.14 8.43 1.13
CA VAL B 86 -30.08 7.13 1.78
C VAL B 86 -28.68 6.93 2.36
N PRO B 87 -28.55 6.09 3.38
CA PRO B 87 -27.23 5.88 4.00
C PRO B 87 -26.18 5.41 3.01
N THR B 88 -25.04 6.10 2.96
CA THR B 88 -23.94 5.74 2.08
C THR B 88 -22.62 5.64 2.84
N GLN B 89 -21.79 4.68 2.44
CA GLN B 89 -20.46 4.52 3.04
C GLN B 89 -19.36 4.88 2.05
N PHE B 90 -18.16 5.14 2.57
CA PHE B 90 -17.03 5.52 1.74
C PHE B 90 -16.02 4.39 1.59
N GLU B 91 -15.43 4.29 0.41
CA GLU B 91 -14.32 3.39 0.17
C GLU B 91 -13.37 4.03 -0.83
N PHE B 92 -12.07 3.99 -0.55
CA PHE B 92 -11.10 4.65 -1.40
C PHE B 92 -10.05 3.67 -1.93
N MET B 93 -9.72 3.83 -3.21
CA MET B 93 -8.62 3.08 -3.81
C MET B 93 -7.57 4.05 -4.32
N ALA B 94 -6.32 3.61 -4.32
CA ALA B 94 -5.24 4.38 -4.92
C ALA B 94 -4.52 3.52 -5.94
N VAL B 95 -4.41 4.04 -7.16
CA VAL B 95 -3.76 3.30 -8.24
C VAL B 95 -2.63 4.09 -8.86
N SER B 96 -1.73 3.37 -9.52
CA SER B 96 -0.61 4.00 -10.22
C SER B 96 -0.52 3.44 -11.63
N SER B 97 0.09 4.21 -12.53
CA SER B 97 0.27 3.78 -13.91
C SER B 97 1.46 2.84 -14.03
N TYR B 98 1.31 1.79 -14.83
CA TYR B 98 2.41 0.89 -15.13
C TYR B 98 3.24 1.44 -16.28
N GLY B 99 2.59 2.13 -17.20
CA GLY B 99 3.27 2.72 -18.34
C GLY B 99 2.41 2.73 -19.58
N SER B 100 2.88 2.07 -20.63
CA SER B 100 2.16 2.01 -21.90
C SER B 100 1.08 0.93 -21.87
N SER B 101 1.20 0.01 -20.91
CA SER B 101 0.22 -1.07 -20.76
C SER B 101 -1.03 -0.54 -20.06
N THR B 102 -0.83 0.46 -19.20
CA THR B 102 -1.95 1.14 -18.55
C THR B 102 -2.74 1.92 -19.60
N SER B 103 -2.02 2.51 -20.55
CA SER B 103 -2.63 3.31 -21.59
C SER B 103 -3.17 2.47 -22.74
N SER B 104 -3.05 1.15 -22.61
CA SER B 104 -3.50 0.24 -23.67
C SER B 104 -4.52 -0.76 -23.18
N SER B 105 -4.36 -1.25 -21.94
CA SER B 105 -5.22 -2.28 -21.41
C SER B 105 -6.06 -1.78 -20.23
N GLY B 106 -5.64 -0.66 -19.65
CA GLY B 106 -6.34 -0.08 -18.52
C GLY B 106 -5.85 -0.62 -17.18
N VAL B 107 -5.04 -1.68 -17.24
CA VAL B 107 -4.53 -2.32 -16.03
C VAL B 107 -3.63 -1.37 -15.24
N VAL B 108 -3.95 -1.21 -13.96
CA VAL B 108 -3.18 -0.31 -13.11
C VAL B 108 -2.64 -1.01 -11.86
N ARG B 109 -1.56 -0.46 -11.31
CA ARG B 109 -0.99 -0.94 -10.07
C ARG B 109 -1.85 -0.49 -8.89
N ILE B 110 -2.26 -1.43 -8.05
CA ILE B 110 -3.03 -1.07 -6.86
C ILE B 110 -2.11 -0.64 -5.73
N LEU B 111 -2.21 0.62 -5.34
CA LEU B 111 -1.39 1.15 -4.24
C LEU B 111 -2.15 1.06 -2.93
N LYS B 112 -3.46 1.10 -3.02
CA LYS B 112 -4.33 1.07 -1.86
C LYS B 112 -5.66 0.39 -2.23
N ASP B 113 -5.87 -0.79 -1.67
CA ASP B 113 -7.05 -1.59 -1.98
C ASP B 113 -8.23 -1.26 -1.06
N LEU B 114 -9.37 -1.84 -1.36
CA LEU B 114 -10.55 -1.73 -0.50
C LEU B 114 -10.22 -2.25 0.91
N ASP B 115 -10.76 -1.59 1.93
CA ASP B 115 -10.53 -2.00 3.32
C ASP B 115 -11.42 -3.16 3.69
N ARG B 116 -12.63 -3.19 3.13
CA ARG B 116 -13.57 -4.26 3.39
C ARG B 116 -13.99 -4.93 2.08
N ASP B 117 -14.46 -6.16 2.16
CA ASP B 117 -14.89 -6.90 0.98
C ASP B 117 -16.28 -6.44 0.54
N ILE B 118 -16.52 -6.46 -0.77
CA ILE B 118 -17.78 -5.95 -1.31
C ILE B 118 -18.77 -7.06 -1.67
N HIS B 119 -18.52 -8.27 -1.16
CA HIS B 119 -19.42 -9.40 -1.39
C HIS B 119 -20.83 -9.09 -0.91
N GLY B 120 -21.78 -9.13 -1.83
CA GLY B 120 -23.18 -8.88 -1.51
C GLY B 120 -23.49 -7.41 -1.26
N ARG B 121 -22.56 -6.54 -1.62
CA ARG B 121 -22.77 -5.09 -1.47
C ARG B 121 -23.38 -4.47 -2.71
N ASP B 122 -24.12 -3.39 -2.52
CA ASP B 122 -24.58 -2.57 -3.63
C ASP B 122 -23.59 -1.43 -3.84
N VAL B 123 -22.79 -1.55 -4.89
CA VAL B 123 -21.63 -0.67 -5.06
C VAL B 123 -21.80 0.33 -6.19
N LEU B 124 -21.50 1.59 -5.90
CA LEU B 124 -21.52 2.64 -6.90
C LEU B 124 -20.13 3.23 -7.07
N ILE B 125 -19.49 2.96 -8.20
CA ILE B 125 -18.21 3.58 -8.49
C ILE B 125 -18.40 5.04 -8.82
N VAL B 126 -17.70 5.91 -8.10
CA VAL B 126 -17.82 7.34 -8.30
C VAL B 126 -16.58 7.90 -9.00
N GLU B 127 -16.78 8.39 -10.22
CA GLU B 127 -15.69 8.92 -11.02
C GLU B 127 -15.79 10.43 -11.21
N ASP B 128 -14.66 11.06 -11.54
CA ASP B 128 -14.64 12.48 -11.86
C ASP B 128 -14.89 12.70 -13.35
N VAL B 129 -14.07 12.07 -14.19
CA VAL B 129 -14.20 12.20 -15.63
C VAL B 129 -14.07 10.85 -16.33
N VAL B 130 -14.95 10.57 -17.29
CA VAL B 130 -14.79 9.40 -18.13
C VAL B 130 -14.46 9.83 -19.55
N ASP B 131 -13.25 9.49 -19.98
CA ASP B 131 -12.79 9.81 -21.33
C ASP B 131 -12.60 8.50 -22.09
N SER B 132 -11.39 7.95 -22.07
CA SER B 132 -11.12 6.66 -22.68
C SER B 132 -11.85 5.54 -21.93
N GLY B 133 -11.86 5.64 -20.60
CA GLY B 133 -12.57 4.69 -19.76
C GLY B 133 -11.86 3.37 -19.54
N LEU B 134 -10.60 3.29 -19.94
CA LEU B 134 -9.84 2.04 -19.88
C LEU B 134 -9.60 1.55 -18.44
N THR B 135 -9.12 2.45 -17.59
CA THR B 135 -8.87 2.10 -16.20
C THR B 135 -10.19 1.83 -15.47
N LEU B 136 -11.23 2.60 -15.83
CA LEU B 136 -12.55 2.39 -15.27
C LEU B 136 -13.11 1.03 -15.68
N SER B 137 -12.89 0.66 -16.93
CA SER B 137 -13.34 -0.63 -17.43
C SER B 137 -12.62 -1.76 -16.70
N TRP B 138 -11.31 -1.59 -16.52
CA TRP B 138 -10.49 -2.58 -15.83
C TRP B 138 -10.91 -2.71 -14.37
N LEU B 139 -11.16 -1.57 -13.72
CA LEU B 139 -11.62 -1.55 -12.34
C LEU B 139 -12.96 -2.27 -12.17
N SER B 140 -13.88 -1.98 -13.08
CA SER B 140 -15.22 -2.58 -13.07
C SER B 140 -15.15 -4.11 -13.09
N ARG B 141 -14.35 -4.65 -13.99
CA ARG B 141 -14.20 -6.09 -14.10
C ARG B 141 -13.53 -6.66 -12.85
N ASN B 142 -12.59 -5.90 -12.30
CA ASN B 142 -11.91 -6.32 -11.08
C ASN B 142 -12.87 -6.41 -9.89
N LEU B 143 -13.66 -5.36 -9.68
CA LEU B 143 -14.61 -5.31 -8.58
C LEU B 143 -15.74 -6.31 -8.77
N THR B 144 -16.06 -6.62 -10.03
CA THR B 144 -17.11 -7.58 -10.34
C THR B 144 -16.73 -8.97 -9.85
N SER B 145 -15.43 -9.27 -9.88
CA SER B 145 -14.92 -10.58 -9.46
C SER B 145 -15.05 -10.80 -7.95
N ARG B 146 -15.29 -9.73 -7.19
CA ARG B 146 -15.45 -9.86 -5.74
C ARG B 146 -16.90 -10.16 -5.38
N ASN B 147 -17.71 -10.40 -6.42
CA ASN B 147 -19.12 -10.76 -6.28
C ASN B 147 -19.95 -9.74 -5.51
N PRO B 148 -20.08 -8.52 -6.06
CA PRO B 148 -21.01 -7.55 -5.45
C PRO B 148 -22.44 -7.93 -5.74
N ARG B 149 -23.39 -7.43 -4.96
CA ARG B 149 -24.80 -7.65 -5.26
C ARG B 149 -25.13 -6.89 -6.54
N SER B 150 -24.64 -5.67 -6.62
CA SER B 150 -24.80 -4.83 -7.80
C SER B 150 -23.60 -3.93 -7.94
N LEU B 151 -23.39 -3.42 -9.16
CA LEU B 151 -22.28 -2.52 -9.42
C LEU B 151 -22.62 -1.56 -10.55
N ARG B 152 -22.62 -0.27 -10.24
CA ARG B 152 -22.90 0.76 -11.25
C ARG B 152 -21.86 1.86 -11.20
N VAL B 153 -21.89 2.73 -12.19
CA VAL B 153 -20.94 3.83 -12.28
C VAL B 153 -21.64 5.17 -12.38
N CYS B 154 -21.24 6.08 -11.49
CA CYS B 154 -21.67 7.47 -11.56
C CYS B 154 -20.45 8.35 -11.75
N THR B 155 -20.43 9.14 -12.81
CA THR B 155 -19.34 10.07 -13.05
C THR B 155 -19.87 11.51 -13.10
N LEU B 156 -19.02 12.46 -12.78
CA LEU B 156 -19.41 13.86 -12.83
C LEU B 156 -19.40 14.38 -14.26
N LEU B 157 -18.32 14.05 -14.97
CA LEU B 157 -18.14 14.51 -16.34
C LEU B 157 -17.99 13.32 -17.27
N ARG B 158 -18.55 13.44 -18.47
CA ARG B 158 -18.34 12.45 -19.53
C ARG B 158 -17.89 13.16 -20.79
N LYS B 159 -16.83 12.66 -21.40
CA LYS B 159 -16.28 13.24 -22.62
C LYS B 159 -16.72 12.43 -23.84
N PRO B 160 -16.67 13.04 -25.05
CA PRO B 160 -17.14 12.37 -26.26
C PRO B 160 -16.55 10.99 -26.54
N ASP B 161 -15.31 10.73 -26.11
CA ASP B 161 -14.67 9.44 -26.40
C ASP B 161 -15.15 8.30 -25.51
N ALA B 162 -16.06 8.59 -24.58
CA ALA B 162 -16.57 7.57 -23.68
C ALA B 162 -17.59 6.68 -24.37
N VAL B 163 -18.02 7.08 -25.56
CA VAL B 163 -18.95 6.28 -26.36
C VAL B 163 -18.20 5.07 -26.92
N HIS B 164 -16.89 5.20 -27.06
CA HIS B 164 -16.05 4.12 -27.53
C HIS B 164 -15.71 3.15 -26.39
N ALA B 165 -15.87 3.63 -25.17
CA ALA B 165 -15.70 2.78 -23.99
C ALA B 165 -16.86 1.80 -23.90
N ASN B 166 -16.60 0.60 -23.39
CA ASN B 166 -17.61 -0.45 -23.37
C ASN B 166 -18.24 -0.65 -21.99
N VAL B 167 -17.84 0.16 -21.03
CA VAL B 167 -18.42 0.10 -19.69
C VAL B 167 -19.67 0.97 -19.61
N GLU B 168 -20.72 0.45 -18.99
CA GLU B 168 -21.99 1.18 -18.87
C GLU B 168 -21.95 2.18 -17.71
N ILE B 169 -22.41 3.39 -17.98
CA ILE B 169 -22.44 4.44 -16.97
C ILE B 169 -23.88 4.84 -16.64
N ALA B 170 -24.32 4.47 -15.44
CA ALA B 170 -25.70 4.67 -15.03
C ALA B 170 -26.06 6.13 -14.76
N TYR B 171 -25.09 6.89 -14.24
CA TYR B 171 -25.34 8.26 -13.86
C TYR B 171 -24.26 9.20 -14.38
N VAL B 172 -24.68 10.29 -15.01
CA VAL B 172 -23.75 11.27 -15.57
C VAL B 172 -24.13 12.68 -15.14
N GLY B 173 -23.20 13.40 -14.54
CA GLY B 173 -23.44 14.77 -14.17
C GLY B 173 -23.57 15.67 -15.40
N PHE B 174 -22.49 15.77 -16.15
CA PHE B 174 -22.47 16.59 -17.35
C PHE B 174 -21.70 15.91 -18.47
N ASP B 175 -22.22 16.05 -19.69
CA ASP B 175 -21.42 15.74 -20.87
C ASP B 175 -20.72 17.03 -21.29
N ILE B 176 -19.39 16.95 -21.44
CA ILE B 176 -18.60 18.14 -21.75
C ILE B 176 -17.78 17.89 -23.01
N PRO B 177 -17.20 18.95 -23.60
CA PRO B 177 -16.34 18.71 -24.77
C PRO B 177 -15.03 18.02 -24.41
N ASN B 178 -14.23 17.72 -25.43
CA ASN B 178 -13.00 16.96 -25.23
C ASN B 178 -11.87 17.80 -24.64
N ASP B 179 -12.10 19.10 -24.51
CA ASP B 179 -11.08 20.02 -23.98
C ASP B 179 -10.66 19.67 -22.55
N PHE B 180 -9.38 19.83 -22.26
CA PHE B 180 -8.83 19.52 -20.96
C PHE B 180 -9.29 20.55 -19.91
N VAL B 181 -9.94 20.08 -18.86
CA VAL B 181 -10.47 20.97 -17.84
C VAL B 181 -9.85 20.72 -16.48
N VAL B 182 -9.81 21.76 -15.64
CA VAL B 182 -9.34 21.63 -14.28
C VAL B 182 -10.38 22.17 -13.30
N GLY B 183 -10.19 21.86 -12.02
CA GLY B 183 -11.08 22.34 -10.99
C GLY B 183 -11.93 21.26 -10.37
N TYR B 184 -12.44 21.53 -9.16
CA TYR B 184 -13.33 20.62 -8.44
C TYR B 184 -12.76 19.19 -8.41
N GLY B 185 -11.52 19.08 -7.93
CA GLY B 185 -10.86 17.79 -7.83
C GLY B 185 -9.93 17.51 -8.99
N LEU B 186 -10.27 18.04 -10.17
CA LEU B 186 -9.48 17.80 -11.38
C LEU B 186 -8.22 18.67 -11.38
N ASP B 187 -7.11 18.12 -11.86
CA ASP B 187 -5.82 18.78 -11.71
C ASP B 187 -5.07 19.01 -13.01
N TYR B 188 -4.02 19.81 -12.91
CA TYR B 188 -2.93 19.82 -13.88
C TYR B 188 -1.62 19.96 -13.11
N ASP B 189 -0.87 18.85 -13.06
CA ASP B 189 0.34 18.77 -12.25
C ASP B 189 0.03 19.08 -10.79
N GLU B 190 -1.02 18.41 -10.29
CA GLU B 190 -1.44 18.47 -8.88
C GLU B 190 -2.03 19.80 -8.44
N ARG B 191 -2.13 20.76 -9.34
CA ARG B 191 -2.72 22.05 -9.00
C ARG B 191 -4.16 22.14 -9.50
N TYR B 192 -4.88 23.17 -9.01
CA TYR B 192 -6.25 23.51 -9.41
C TYR B 192 -7.33 22.55 -8.88
N ARG B 193 -6.94 21.56 -8.08
CA ARG B 193 -7.92 20.65 -7.49
C ARG B 193 -8.88 21.35 -6.52
N ASP B 194 -8.41 22.44 -5.91
CA ASP B 194 -9.15 23.08 -4.82
C ASP B 194 -10.18 24.11 -5.30
N LEU B 195 -10.30 24.27 -6.61
CA LEU B 195 -11.31 25.17 -7.17
C LEU B 195 -12.70 24.60 -6.97
N SER B 196 -13.67 25.46 -6.69
CA SER B 196 -15.04 25.02 -6.49
C SER B 196 -15.78 24.91 -7.82
N TYR B 197 -15.18 25.46 -8.86
CA TYR B 197 -15.75 25.42 -10.20
C TYR B 197 -14.84 24.64 -11.14
N ILE B 198 -15.39 24.26 -12.29
CA ILE B 198 -14.62 23.57 -13.31
C ILE B 198 -14.40 24.51 -14.49
N GLY B 199 -13.14 24.69 -14.88
CA GLY B 199 -12.80 25.58 -15.98
C GLY B 199 -11.74 25.02 -16.90
N THR B 200 -11.46 25.75 -17.98
CA THR B 200 -10.44 25.34 -18.94
C THR B 200 -9.16 26.15 -18.73
N LEU B 201 -8.02 25.52 -18.97
CA LEU B 201 -6.73 26.17 -18.76
C LEU B 201 -6.29 27.00 -19.96
N ASP B 202 -5.60 28.11 -19.66
CA ASP B 202 -4.90 28.88 -20.67
C ASP B 202 -3.67 28.08 -21.08
N PRO B 203 -3.52 27.82 -22.40
CA PRO B 203 -2.33 27.13 -22.91
C PRO B 203 -1.00 27.74 -22.46
N ARG B 204 -1.05 28.95 -21.90
CA ARG B 204 0.13 29.57 -21.29
C ARG B 204 0.47 28.92 -19.93
N VAL B 205 -0.11 27.76 -19.69
CA VAL B 205 0.14 26.97 -18.50
C VAL B 205 0.79 25.65 -18.90
N TYR B 206 0.35 25.10 -20.02
CA TYR B 206 0.90 23.85 -20.54
C TYR B 206 2.23 24.09 -21.25
N PRO C 25 13.81 -27.84 19.10
CA PRO C 25 13.76 -27.50 20.52
C PRO C 25 12.54 -28.13 21.20
N GLY C 26 12.30 -29.39 20.86
CA GLY C 26 11.27 -30.18 21.50
C GLY C 26 9.85 -29.77 21.18
N ASP C 27 9.67 -29.12 20.04
CA ASP C 27 8.34 -28.73 19.57
C ASP C 27 7.98 -29.41 18.26
N ILE C 28 9.01 -29.86 17.54
CA ILE C 28 8.79 -30.56 16.28
C ILE C 28 8.58 -32.05 16.52
N LYS C 29 7.38 -32.53 16.20
CA LYS C 29 7.03 -33.92 16.43
C LYS C 29 7.59 -34.83 15.36
N SER C 30 7.60 -34.35 14.13
CA SER C 30 8.02 -35.16 12.99
C SER C 30 8.78 -34.34 11.96
N VAL C 31 9.78 -34.97 11.34
CA VAL C 31 10.43 -34.39 10.18
C VAL C 31 9.91 -35.12 8.95
N LEU C 32 9.33 -34.36 8.02
CA LEU C 32 8.76 -34.94 6.81
C LEU C 32 9.81 -35.07 5.72
N LEU C 33 10.48 -33.96 5.43
CA LEU C 33 11.50 -33.94 4.39
C LEU C 33 12.72 -33.13 4.83
N THR C 34 13.88 -33.77 4.83
CA THR C 34 15.13 -33.13 5.23
C THR C 34 15.56 -32.07 4.20
N ALA C 35 16.57 -31.29 4.56
CA ALA C 35 17.11 -30.27 3.67
C ALA C 35 17.61 -30.88 2.37
N GLU C 36 18.20 -32.07 2.47
CA GLU C 36 18.72 -32.78 1.31
C GLU C 36 17.58 -33.21 0.39
N GLN C 37 16.49 -33.68 0.98
CA GLN C 37 15.33 -34.13 0.22
C GLN C 37 14.69 -32.96 -0.55
N ILE C 38 14.75 -31.78 0.04
CA ILE C 38 14.16 -30.58 -0.56
C ILE C 38 14.98 -30.08 -1.75
N GLN C 39 16.29 -29.94 -1.54
CA GLN C 39 17.19 -29.41 -2.56
C GLN C 39 17.22 -30.28 -3.81
N ALA C 40 16.98 -31.57 -3.63
CA ALA C 40 17.04 -32.52 -4.74
C ALA C 40 15.89 -32.32 -5.72
N ARG C 41 14.67 -32.20 -5.19
CA ARG C 41 13.49 -32.01 -6.02
C ARG C 41 13.51 -30.66 -6.72
N ILE C 42 14.00 -29.64 -6.00
CA ILE C 42 14.10 -28.30 -6.54
C ILE C 42 15.05 -28.26 -7.72
N ALA C 43 16.18 -28.94 -7.59
CA ALA C 43 17.12 -29.08 -8.70
C ALA C 43 16.50 -29.90 -9.83
N GLU C 44 15.61 -30.80 -9.47
CA GLU C 44 14.96 -31.68 -10.44
C GLU C 44 13.95 -30.92 -11.30
N LEU C 45 12.94 -30.34 -10.66
CA LEU C 45 11.93 -29.61 -11.41
C LEU C 45 12.48 -28.29 -11.93
N GLY C 46 13.55 -27.80 -11.32
CA GLY C 46 14.26 -26.64 -11.81
C GLY C 46 14.80 -26.87 -13.21
N GLU C 47 15.45 -28.01 -13.39
CA GLU C 47 15.93 -28.42 -14.71
C GLU C 47 14.74 -28.69 -15.63
N GLN C 48 13.68 -29.24 -15.06
CA GLN C 48 12.45 -29.53 -15.80
C GLN C 48 11.80 -28.25 -16.31
N ILE C 49 11.64 -27.28 -15.41
CA ILE C 49 11.08 -25.98 -15.77
C ILE C 49 11.93 -25.29 -16.81
N GLY C 50 13.25 -25.29 -16.59
CA GLY C 50 14.18 -24.63 -17.49
C GLY C 50 14.09 -25.09 -18.94
N ASN C 51 13.94 -26.40 -19.14
CA ASN C 51 13.84 -26.96 -20.49
C ASN C 51 12.54 -26.60 -21.19
N ASP C 52 11.47 -26.49 -20.43
CA ASP C 52 10.16 -26.15 -20.99
C ASP C 52 10.12 -24.70 -21.46
N TYR C 53 10.92 -23.85 -20.82
CA TYR C 53 10.93 -22.43 -21.15
C TYR C 53 12.18 -22.04 -21.95
N ARG C 54 12.91 -23.05 -22.42
CA ARG C 54 14.10 -22.80 -23.22
C ARG C 54 13.73 -22.27 -24.60
N THR C 60 9.75 -15.54 -26.62
CA THR C 60 9.28 -14.21 -26.29
C THR C 60 10.41 -13.18 -26.40
N GLY C 61 11.60 -13.59 -25.99
CA GLY C 61 12.76 -12.71 -26.07
C GLY C 61 13.17 -12.13 -24.73
N GLN C 62 12.31 -12.28 -23.72
CA GLN C 62 12.62 -11.80 -22.38
C GLN C 62 12.48 -12.92 -21.36
N ASP C 63 13.00 -12.70 -20.16
CA ASP C 63 13.15 -13.75 -19.16
C ASP C 63 11.85 -14.30 -18.58
N LEU C 64 11.96 -15.48 -17.99
CA LEU C 64 10.86 -16.09 -17.25
C LEU C 64 10.60 -15.29 -15.97
N LEU C 65 9.33 -15.11 -15.63
CA LEU C 65 8.95 -14.28 -14.49
C LEU C 65 8.31 -15.10 -13.37
N LEU C 66 8.98 -15.15 -12.23
CA LEU C 66 8.44 -15.85 -11.07
C LEU C 66 7.66 -14.89 -10.17
N ILE C 67 6.43 -15.26 -9.83
CA ILE C 67 5.61 -14.45 -8.95
C ILE C 67 5.34 -15.20 -7.65
N THR C 68 5.61 -14.54 -6.53
CA THR C 68 5.46 -15.17 -5.21
C THR C 68 4.63 -14.31 -4.27
N VAL C 69 3.75 -14.95 -3.51
CA VAL C 69 3.02 -14.26 -2.46
C VAL C 69 3.73 -14.45 -1.12
N LEU C 70 4.15 -13.32 -0.53
CA LEU C 70 4.84 -13.33 0.76
C LEU C 70 3.96 -13.98 1.84
N LYS C 71 4.57 -14.67 2.81
CA LYS C 71 6.03 -14.80 2.92
C LYS C 71 6.49 -16.24 2.77
N GLY C 72 5.55 -17.18 2.81
CA GLY C 72 5.87 -18.59 2.93
C GLY C 72 6.74 -19.23 1.85
N ALA C 73 6.78 -18.63 0.67
CA ALA C 73 7.48 -19.25 -0.45
C ALA C 73 8.70 -18.47 -0.92
N VAL C 74 9.29 -17.67 -0.03
CA VAL C 74 10.49 -16.92 -0.38
C VAL C 74 11.72 -17.84 -0.41
N LEU C 75 11.78 -18.79 0.53
CA LEU C 75 12.89 -19.74 0.56
C LEU C 75 12.82 -20.65 -0.65
N PHE C 76 11.59 -20.96 -1.08
CA PHE C 76 11.40 -21.82 -2.23
C PHE C 76 11.73 -21.10 -3.54
N VAL C 77 11.33 -19.84 -3.64
CA VAL C 77 11.53 -19.11 -4.89
C VAL C 77 13.00 -18.71 -5.09
N THR C 78 13.72 -18.51 -3.99
CA THR C 78 15.14 -18.19 -4.08
C THR C 78 15.92 -19.42 -4.53
N ASP C 79 15.63 -20.56 -3.91
CA ASP C 79 16.29 -21.80 -4.26
C ASP C 79 15.90 -22.27 -5.66
N LEU C 80 14.63 -22.10 -6.02
CA LEU C 80 14.14 -22.55 -7.31
C LEU C 80 14.77 -21.77 -8.47
N ALA C 81 14.84 -20.45 -8.31
CA ALA C 81 15.38 -19.59 -9.37
C ALA C 81 16.83 -19.92 -9.68
N ARG C 82 17.59 -20.29 -8.66
CA ARG C 82 18.97 -20.70 -8.84
C ARG C 82 19.05 -22.08 -9.49
N ALA C 83 17.94 -22.82 -9.43
CA ALA C 83 17.90 -24.17 -9.98
C ALA C 83 17.40 -24.17 -11.42
N ILE C 84 16.66 -23.13 -11.79
CA ILE C 84 16.17 -22.99 -13.16
C ILE C 84 17.29 -22.46 -14.07
N PRO C 85 17.72 -23.29 -15.03
CA PRO C 85 18.89 -22.98 -15.88
C PRO C 85 18.60 -22.04 -17.04
N VAL C 86 17.50 -21.30 -16.97
CA VAL C 86 17.25 -20.21 -17.91
C VAL C 86 17.07 -18.92 -17.10
N PRO C 87 17.39 -17.76 -17.71
CA PRO C 87 17.25 -16.46 -17.04
C PRO C 87 15.91 -16.28 -16.32
N THR C 88 15.95 -15.81 -15.08
CA THR C 88 14.77 -15.76 -14.24
C THR C 88 14.65 -14.47 -13.43
N GLN C 89 13.48 -13.84 -13.49
CA GLN C 89 13.22 -12.60 -12.76
C GLN C 89 12.26 -12.80 -11.60
N PHE C 90 12.38 -11.93 -10.59
CA PHE C 90 11.56 -12.02 -9.38
C PHE C 90 10.50 -10.94 -9.33
N GLU C 91 9.32 -11.29 -8.83
CA GLU C 91 8.32 -10.29 -8.45
C GLU C 91 7.47 -10.81 -7.31
N PHE C 92 7.18 -9.94 -6.36
CA PHE C 92 6.50 -10.34 -5.14
C PHE C 92 5.18 -9.62 -4.92
N MET C 93 4.19 -10.35 -4.43
CA MET C 93 2.94 -9.75 -4.02
C MET C 93 2.71 -9.98 -2.54
N ALA C 94 2.15 -8.97 -1.87
CA ALA C 94 1.69 -9.12 -0.50
C ALA C 94 0.16 -9.04 -0.51
N VAL C 95 -0.48 -9.97 0.18
CA VAL C 95 -1.93 -9.96 0.27
C VAL C 95 -2.39 -10.04 1.72
N SER C 96 -3.68 -9.84 1.95
CA SER C 96 -4.24 -9.88 3.29
C SER C 96 -5.66 -10.42 3.24
N SER C 97 -6.11 -11.01 4.34
CA SER C 97 -7.43 -11.61 4.39
C SER C 97 -8.50 -10.57 4.74
N TYR C 98 -9.72 -10.80 4.24
CA TYR C 98 -10.85 -9.96 4.61
C TYR C 98 -11.63 -10.60 5.75
N GLY C 99 -11.62 -11.92 5.79
CA GLY C 99 -12.21 -12.65 6.90
C GLY C 99 -13.34 -13.58 6.52
N SER C 100 -14.57 -13.14 6.74
CA SER C 100 -15.75 -13.99 6.54
C SER C 100 -16.00 -14.37 5.07
N SER C 101 -15.17 -13.85 4.16
CA SER C 101 -15.32 -14.17 2.73
C SER C 101 -14.06 -14.81 2.14
N THR C 102 -12.89 -14.39 2.61
CA THR C 102 -11.65 -15.04 2.21
C THR C 102 -11.64 -16.44 2.84
N SER C 103 -12.39 -16.58 3.93
CA SER C 103 -12.71 -17.90 4.44
C SER C 103 -13.72 -18.55 3.49
N SER C 104 -14.75 -17.80 3.14
CA SER C 104 -15.81 -18.29 2.25
C SER C 104 -15.29 -18.63 0.86
N SER C 105 -14.40 -17.79 0.33
CA SER C 105 -13.87 -17.99 -1.02
C SER C 105 -12.49 -17.34 -1.18
N GLY C 106 -12.21 -16.82 -2.37
CA GLY C 106 -10.92 -16.22 -2.67
C GLY C 106 -10.79 -14.80 -2.19
N VAL C 107 -10.86 -13.86 -3.13
CA VAL C 107 -10.71 -12.41 -2.94
C VAL C 107 -9.98 -11.96 -1.65
N VAL C 108 -8.72 -11.60 -1.82
CA VAL C 108 -7.91 -11.12 -0.72
C VAL C 108 -7.55 -9.64 -0.93
N ARG C 109 -7.11 -9.00 0.14
CA ARG C 109 -6.72 -7.59 0.07
C ARG C 109 -5.28 -7.47 -0.38
N ILE C 110 -5.06 -6.79 -1.49
CA ILE C 110 -3.70 -6.57 -1.98
C ILE C 110 -3.00 -5.48 -1.17
N LEU C 111 -1.90 -5.85 -0.51
CA LEU C 111 -1.10 -4.90 0.26
C LEU C 111 0.08 -4.41 -0.55
N LYS C 112 0.57 -5.26 -1.45
CA LYS C 112 1.63 -4.87 -2.37
C LYS C 112 1.39 -5.51 -3.74
N ASP C 113 1.24 -4.67 -4.75
CA ASP C 113 1.00 -5.15 -6.10
C ASP C 113 2.33 -5.38 -6.83
N LEU C 114 2.27 -5.93 -8.03
CA LEU C 114 3.47 -6.16 -8.83
C LEU C 114 4.13 -4.84 -9.21
N ASP C 115 5.46 -4.83 -9.24
CA ASP C 115 6.20 -3.62 -9.58
C ASP C 115 6.06 -3.26 -11.05
N ARG C 116 5.91 -4.28 -11.89
CA ARG C 116 5.78 -4.05 -13.33
C ARG C 116 4.63 -4.86 -13.93
N ASP C 117 4.08 -4.35 -15.02
CA ASP C 117 2.98 -5.00 -15.73
C ASP C 117 3.47 -6.25 -16.44
N ILE C 118 2.65 -7.32 -16.41
CA ILE C 118 3.08 -8.62 -16.92
C ILE C 118 2.47 -8.97 -18.26
N HIS C 119 1.93 -8.00 -18.96
CA HIS C 119 1.37 -8.24 -20.30
C HIS C 119 2.45 -8.73 -21.26
N GLY C 120 2.23 -9.90 -21.84
CA GLY C 120 3.17 -10.47 -22.80
C GLY C 120 4.32 -11.21 -22.14
N ARG C 121 4.21 -11.44 -20.84
CA ARG C 121 5.26 -12.14 -20.09
C ARG C 121 4.91 -13.60 -19.85
N ASP C 122 5.94 -14.45 -19.79
CA ASP C 122 5.76 -15.85 -19.43
C ASP C 122 5.88 -15.99 -17.91
N VAL C 123 4.73 -16.18 -17.28
CA VAL C 123 4.62 -16.06 -15.82
C VAL C 123 4.46 -17.42 -15.13
N LEU C 124 5.22 -17.60 -14.06
CA LEU C 124 5.11 -18.81 -13.25
C LEU C 124 4.82 -18.47 -11.79
N ILE C 125 3.61 -18.80 -11.35
CA ILE C 125 3.22 -18.56 -9.96
C ILE C 125 3.89 -19.57 -9.04
N VAL C 126 4.78 -19.07 -8.19
CA VAL C 126 5.51 -19.93 -7.25
C VAL C 126 4.90 -19.86 -5.85
N GLU C 127 4.18 -20.92 -5.46
CA GLU C 127 3.60 -20.97 -4.12
C GLU C 127 4.26 -22.07 -3.29
N ASP C 128 4.09 -21.98 -1.98
CA ASP C 128 4.67 -22.94 -1.05
C ASP C 128 3.83 -24.21 -0.95
N VAL C 129 2.57 -24.03 -0.54
CA VAL C 129 1.64 -25.13 -0.36
C VAL C 129 0.28 -24.77 -0.95
N VAL C 130 -0.40 -25.75 -1.55
CA VAL C 130 -1.76 -25.56 -2.02
C VAL C 130 -2.73 -26.48 -1.29
N ASP C 131 -3.62 -25.90 -0.50
CA ASP C 131 -4.59 -26.66 0.28
C ASP C 131 -5.98 -26.46 -0.32
N SER C 132 -6.76 -25.55 0.26
CA SER C 132 -8.09 -25.24 -0.27
C SER C 132 -7.96 -24.63 -1.67
N GLY C 133 -6.87 -23.90 -1.87
CA GLY C 133 -6.56 -23.32 -3.17
C GLY C 133 -7.47 -22.17 -3.54
N LEU C 134 -8.20 -21.65 -2.55
CA LEU C 134 -9.14 -20.56 -2.79
C LEU C 134 -8.42 -19.26 -3.15
N THR C 135 -7.35 -18.95 -2.43
CA THR C 135 -6.56 -17.76 -2.72
C THR C 135 -5.86 -17.90 -4.07
N LEU C 136 -5.39 -19.10 -4.37
CA LEU C 136 -4.72 -19.38 -5.63
C LEU C 136 -5.68 -19.22 -6.81
N SER C 137 -6.92 -19.62 -6.61
CA SER C 137 -7.96 -19.51 -7.64
C SER C 137 -8.21 -18.04 -7.98
N TRP C 138 -8.21 -17.19 -6.98
CA TRP C 138 -8.49 -15.78 -7.17
C TRP C 138 -7.33 -15.05 -7.83
N LEU C 139 -6.10 -15.33 -7.41
CA LEU C 139 -4.93 -14.66 -7.95
C LEU C 139 -4.73 -15.01 -9.42
N SER C 140 -4.96 -16.27 -9.76
CA SER C 140 -4.85 -16.73 -11.14
C SER C 140 -5.81 -15.97 -12.05
N ARG C 141 -7.06 -15.83 -11.60
CA ARG C 141 -8.06 -15.06 -12.32
C ARG C 141 -7.66 -13.59 -12.37
N ASN C 142 -7.02 -13.13 -11.30
CA ASN C 142 -6.56 -11.75 -11.22
C ASN C 142 -5.39 -11.50 -12.17
N LEU C 143 -4.38 -12.36 -12.11
CA LEU C 143 -3.19 -12.23 -12.95
C LEU C 143 -3.50 -12.43 -14.43
N THR C 144 -4.54 -13.21 -14.73
CA THR C 144 -4.94 -13.45 -16.10
C THR C 144 -5.42 -12.15 -16.76
N SER C 145 -6.08 -11.31 -15.96
CA SER C 145 -6.64 -10.05 -16.47
C SER C 145 -5.56 -9.07 -16.92
N ARG C 146 -4.31 -9.33 -16.56
CA ARG C 146 -3.21 -8.46 -16.94
C ARG C 146 -2.60 -8.92 -18.27
N ASN C 147 -3.27 -9.85 -18.92
CA ASN C 147 -2.90 -10.34 -20.25
C ASN C 147 -1.49 -10.93 -20.37
N PRO C 148 -1.20 -11.99 -19.60
CA PRO C 148 0.12 -12.60 -19.75
C PRO C 148 0.19 -13.51 -20.97
N ARG C 149 1.37 -13.68 -21.56
CA ARG C 149 1.54 -14.56 -22.71
C ARG C 149 1.27 -16.01 -22.31
N SER C 150 1.66 -16.35 -21.08
CA SER C 150 1.38 -17.66 -20.50
C SER C 150 1.38 -17.57 -18.99
N LEU C 151 0.68 -18.51 -18.34
CA LEU C 151 0.56 -18.49 -16.88
C LEU C 151 0.42 -19.90 -16.30
N ARG C 152 1.42 -20.31 -15.52
CA ARG C 152 1.38 -21.62 -14.89
C ARG C 152 1.75 -21.53 -13.41
N VAL C 153 1.52 -22.61 -12.67
CA VAL C 153 1.77 -22.63 -11.23
C VAL C 153 2.75 -23.72 -10.83
N CYS C 154 3.72 -23.36 -9.99
CA CYS C 154 4.66 -24.32 -9.42
C CYS C 154 4.62 -24.25 -7.90
N THR C 155 4.13 -25.30 -7.26
CA THR C 155 4.07 -25.35 -5.81
C THR C 155 5.02 -26.42 -5.25
N LEU C 156 5.65 -26.13 -4.13
CA LEU C 156 6.55 -27.08 -3.50
C LEU C 156 5.76 -28.22 -2.85
N LEU C 157 4.68 -27.87 -2.18
CA LEU C 157 3.86 -28.86 -1.48
C LEU C 157 2.41 -28.85 -1.95
N ARG C 158 1.80 -30.03 -1.97
CA ARG C 158 0.41 -30.16 -2.34
C ARG C 158 -0.34 -31.03 -1.35
N LYS C 159 -1.34 -30.41 -0.74
CA LYS C 159 -2.10 -31.00 0.33
C LYS C 159 -3.24 -31.86 -0.24
N PRO C 160 -3.92 -32.68 0.63
CA PRO C 160 -5.01 -33.60 0.29
C PRO C 160 -5.80 -33.29 -0.93
N ASP C 161 -6.10 -32.01 -1.08
CA ASP C 161 -7.30 -31.53 -1.71
C ASP C 161 -7.13 -30.48 -2.80
N ALA C 162 -5.96 -30.44 -3.44
CA ALA C 162 -5.78 -29.60 -4.63
C ALA C 162 -6.69 -30.09 -5.75
N VAL C 163 -7.40 -31.18 -5.45
CA VAL C 163 -8.44 -31.69 -6.32
C VAL C 163 -9.72 -30.85 -6.14
N HIS C 164 -9.99 -30.37 -4.93
CA HIS C 164 -11.22 -29.61 -4.68
C HIS C 164 -11.27 -28.35 -5.54
N ALA C 165 -10.15 -27.66 -5.63
CA ALA C 165 -10.10 -26.42 -6.40
C ALA C 165 -9.88 -26.71 -7.86
N ASN C 166 -9.56 -25.69 -8.64
CA ASN C 166 -9.35 -25.91 -10.06
C ASN C 166 -8.52 -24.84 -10.75
N VAL C 167 -7.24 -24.81 -10.41
CA VAL C 167 -6.25 -24.14 -11.25
C VAL C 167 -5.22 -25.19 -11.61
N GLU C 168 -4.93 -25.33 -12.90
CA GLU C 168 -3.98 -26.35 -13.33
C GLU C 168 -2.59 -26.05 -12.80
N ILE C 169 -2.19 -26.82 -11.79
CA ILE C 169 -0.86 -26.71 -11.21
C ILE C 169 0.12 -27.52 -12.05
N ALA C 170 0.97 -26.83 -12.80
CA ALA C 170 1.87 -27.47 -13.75
C ALA C 170 3.02 -28.21 -13.06
N TYR C 171 3.40 -27.76 -11.87
CA TYR C 171 4.54 -28.33 -11.18
C TYR C 171 4.30 -28.54 -9.69
N VAL C 172 4.61 -29.74 -9.22
CA VAL C 172 4.47 -30.08 -7.81
C VAL C 172 5.76 -30.70 -7.28
N GLY C 173 6.29 -30.15 -6.20
CA GLY C 173 7.49 -30.69 -5.57
C GLY C 173 7.18 -32.00 -4.87
N PHE C 174 6.29 -31.94 -3.89
CA PHE C 174 5.86 -33.12 -3.15
C PHE C 174 4.39 -33.04 -2.75
N ASP C 175 3.66 -34.12 -2.98
CA ASP C 175 2.26 -34.20 -2.54
C ASP C 175 2.19 -34.79 -1.14
N ILE C 176 1.71 -34.00 -0.18
CA ILE C 176 1.74 -34.39 1.22
C ILE C 176 0.33 -34.60 1.80
N PRO C 177 0.23 -35.40 2.88
CA PRO C 177 -1.06 -35.65 3.55
C PRO C 177 -1.64 -34.44 4.27
N ASN C 178 -2.76 -34.64 4.95
CA ASN C 178 -3.62 -33.57 5.42
C ASN C 178 -3.26 -32.90 6.74
N ASP C 179 -2.03 -33.10 7.20
CA ASP C 179 -1.62 -32.54 8.48
C ASP C 179 -0.84 -31.25 8.32
N PHE C 180 -1.01 -30.35 9.28
CA PHE C 180 -0.34 -29.05 9.28
C PHE C 180 1.18 -29.20 9.33
N VAL C 181 1.86 -28.58 8.38
CA VAL C 181 3.31 -28.68 8.29
C VAL C 181 3.96 -27.32 8.53
N VAL C 182 5.21 -27.33 8.98
CA VAL C 182 5.99 -26.13 9.17
C VAL C 182 7.42 -26.32 8.67
N GLY C 183 8.15 -25.23 8.52
CA GLY C 183 9.54 -25.30 8.09
C GLY C 183 9.75 -24.92 6.65
N TYR C 184 10.98 -24.51 6.33
CA TYR C 184 11.36 -24.07 4.99
C TYR C 184 10.43 -22.97 4.49
N GLY C 185 10.39 -21.85 5.21
CA GLY C 185 9.57 -20.72 4.84
C GLY C 185 8.18 -20.76 5.45
N LEU C 186 7.68 -21.97 5.68
CA LEU C 186 6.35 -22.15 6.27
C LEU C 186 6.39 -21.86 7.77
N ASP C 187 5.28 -21.35 8.31
CA ASP C 187 5.29 -20.88 9.68
C ASP C 187 4.11 -21.34 10.53
N TYR C 188 4.23 -21.07 11.82
CA TYR C 188 3.10 -21.06 12.74
C TYR C 188 3.28 -19.86 13.66
N ASP C 189 2.46 -18.83 13.45
CA ASP C 189 2.61 -17.55 14.12
C ASP C 189 4.01 -16.98 13.84
N GLU C 190 4.38 -17.02 12.56
CA GLU C 190 5.64 -16.45 12.07
C GLU C 190 6.89 -17.08 12.67
N ARG C 191 6.75 -18.30 13.19
CA ARG C 191 7.91 -19.02 13.71
C ARG C 191 8.26 -20.21 12.81
N TYR C 192 9.46 -20.74 13.00
CA TYR C 192 9.94 -21.95 12.32
C TYR C 192 10.12 -21.78 10.80
N ARG C 193 10.10 -20.54 10.33
CA ARG C 193 10.31 -20.26 8.91
C ARG C 193 11.75 -20.51 8.48
N ASP C 194 12.68 -20.28 9.40
CA ASP C 194 14.10 -20.28 9.09
C ASP C 194 14.72 -21.67 9.06
N LEU C 195 13.92 -22.69 9.33
CA LEU C 195 14.42 -24.06 9.35
C LEU C 195 14.65 -24.61 7.95
N SER C 196 15.74 -25.36 7.80
CA SER C 196 16.19 -25.84 6.49
C SER C 196 15.36 -27.01 5.96
N TYR C 197 14.45 -27.51 6.80
CA TYR C 197 13.67 -28.70 6.46
C TYR C 197 12.20 -28.49 6.76
N ILE C 198 11.36 -29.39 6.26
CA ILE C 198 9.93 -29.35 6.54
C ILE C 198 9.56 -30.42 7.56
N GLY C 199 8.78 -30.04 8.55
CA GLY C 199 8.40 -30.96 9.61
C GLY C 199 7.00 -30.76 10.16
N THR C 200 6.66 -31.56 11.17
CA THR C 200 5.35 -31.51 11.80
C THR C 200 5.45 -31.02 13.24
N LEU C 201 4.48 -30.22 13.67
CA LEU C 201 4.47 -29.68 15.03
C LEU C 201 3.70 -30.57 16.01
N ASP C 202 4.22 -30.65 17.24
CA ASP C 202 3.50 -31.29 18.33
C ASP C 202 2.74 -30.23 19.12
N PRO C 203 1.42 -30.40 19.23
CA PRO C 203 0.55 -29.43 19.94
C PRO C 203 0.98 -29.23 21.39
N GLY D 26 26.73 -13.79 -22.90
CA GLY D 26 27.90 -13.66 -22.06
C GLY D 26 27.76 -12.56 -21.02
N ASP D 27 27.66 -11.32 -21.49
CA ASP D 27 27.66 -10.07 -20.70
C ASP D 27 28.22 -10.03 -19.26
N ILE D 28 28.77 -11.14 -18.78
CA ILE D 28 29.51 -11.13 -17.52
C ILE D 28 30.99 -10.88 -17.83
N LYS D 29 31.51 -9.75 -17.38
CA LYS D 29 32.90 -9.39 -17.65
C LYS D 29 33.85 -10.12 -16.72
N SER D 30 33.47 -10.21 -15.45
CA SER D 30 34.29 -10.88 -14.45
C SER D 30 33.45 -11.41 -13.30
N VAL D 31 33.91 -12.49 -12.68
CA VAL D 31 33.27 -13.02 -11.49
C VAL D 31 33.95 -12.47 -10.25
N LEU D 32 33.23 -11.65 -9.49
CA LEU D 32 33.77 -11.08 -8.27
C LEU D 32 33.79 -12.11 -7.14
N LEU D 33 32.64 -12.75 -6.92
CA LEU D 33 32.48 -13.70 -5.84
C LEU D 33 31.73 -14.93 -6.31
N THR D 34 32.36 -16.09 -6.22
CA THR D 34 31.72 -17.34 -6.61
C THR D 34 30.65 -17.74 -5.61
N ALA D 35 29.80 -18.70 -5.98
CA ALA D 35 28.76 -19.19 -5.09
C ALA D 35 29.36 -19.80 -3.84
N GLU D 36 30.46 -20.53 -4.00
CA GLU D 36 31.14 -21.18 -2.90
C GLU D 36 31.67 -20.16 -1.88
N GLN D 37 32.26 -19.08 -2.39
CA GLN D 37 32.80 -18.03 -1.53
C GLN D 37 31.71 -17.31 -0.76
N ILE D 38 30.58 -17.10 -1.42
CA ILE D 38 29.43 -16.43 -0.80
C ILE D 38 28.83 -17.27 0.31
N GLN D 39 28.53 -18.52 0.00
CA GLN D 39 27.89 -19.42 0.95
C GLN D 39 28.80 -19.73 2.15
N ALA D 40 30.11 -19.64 1.93
CA ALA D 40 31.08 -19.89 2.98
C ALA D 40 31.05 -18.76 4.01
N ARG D 41 30.95 -17.53 3.52
CA ARG D 41 30.93 -16.36 4.40
C ARG D 41 29.57 -16.16 5.05
N ILE D 42 28.53 -16.65 4.39
CA ILE D 42 27.18 -16.56 4.94
C ILE D 42 27.05 -17.49 6.14
N ALA D 43 27.64 -18.67 6.04
CA ALA D 43 27.70 -19.60 7.16
C ALA D 43 28.56 -19.01 8.27
N GLU D 44 29.54 -18.19 7.86
CA GLU D 44 30.43 -17.53 8.80
C GLU D 44 29.70 -16.42 9.57
N LEU D 45 28.93 -15.62 8.85
CA LEU D 45 28.15 -14.55 9.45
C LEU D 45 27.08 -15.12 10.37
N GLY D 46 26.51 -16.25 9.96
CA GLY D 46 25.45 -16.90 10.74
C GLY D 46 25.92 -17.30 12.12
N GLU D 47 27.12 -17.86 12.19
CA GLU D 47 27.71 -18.27 13.46
C GLU D 47 27.94 -17.05 14.36
N GLN D 48 28.54 -16.00 13.80
CA GLN D 48 28.80 -14.78 14.53
C GLN D 48 27.52 -14.13 15.03
N ILE D 49 26.58 -13.92 14.12
CA ILE D 49 25.27 -13.37 14.48
C ILE D 49 24.58 -14.28 15.49
N GLY D 50 24.71 -15.59 15.27
CA GLY D 50 24.06 -16.58 16.11
C GLY D 50 24.44 -16.55 17.58
N ASN D 51 25.73 -16.37 17.88
CA ASN D 51 26.17 -16.39 19.27
C ASN D 51 25.98 -15.05 19.96
N ASP D 52 25.95 -13.97 19.16
CA ASP D 52 25.65 -12.65 19.68
C ASP D 52 24.21 -12.59 20.19
N TYR D 53 23.32 -13.27 19.46
CA TYR D 53 21.91 -13.29 19.81
C TYR D 53 21.53 -14.61 20.46
N ARG D 54 22.54 -15.40 20.80
CA ARG D 54 22.32 -16.61 21.58
C ARG D 54 21.71 -16.21 22.93
N GLU D 55 20.80 -16.99 23.48
CA GLU D 55 20.22 -16.54 24.72
C GLU D 55 19.10 -15.54 24.56
N LEU D 56 18.71 -15.26 23.34
CA LEU D 56 17.63 -14.31 23.11
C LEU D 56 16.31 -14.98 23.37
N SER D 57 16.06 -16.05 22.65
CA SER D 57 14.83 -16.78 22.83
C SER D 57 14.65 -17.19 24.28
N ALA D 58 15.69 -17.01 25.07
CA ALA D 58 15.64 -17.38 26.45
C ALA D 58 15.29 -16.21 27.31
N THR D 59 16.05 -15.14 27.20
CA THR D 59 15.81 -13.99 28.06
C THR D 59 14.54 -13.23 27.71
N THR D 60 14.34 -12.97 26.42
CA THR D 60 13.18 -12.21 25.97
C THR D 60 12.00 -13.12 25.65
N GLY D 61 12.29 -14.32 25.15
CA GLY D 61 11.27 -15.24 24.72
C GLY D 61 10.89 -15.00 23.28
N GLN D 62 11.54 -14.01 22.67
CA GLN D 62 11.28 -13.66 21.28
C GLN D 62 12.48 -13.99 20.40
N ASP D 63 12.24 -14.14 19.11
CA ASP D 63 13.28 -14.53 18.17
C ASP D 63 13.99 -13.32 17.59
N LEU D 64 15.15 -13.55 17.00
CA LEU D 64 15.84 -12.52 16.25
C LEU D 64 15.05 -12.21 14.99
N LEU D 65 14.75 -10.93 14.79
CA LEU D 65 13.88 -10.51 13.69
C LEU D 65 14.67 -9.90 12.54
N LEU D 66 14.66 -10.56 11.40
CA LEU D 66 15.36 -10.04 10.22
C LEU D 66 14.43 -9.17 9.38
N ILE D 67 14.83 -7.92 9.17
CA ILE D 67 14.07 -7.00 8.34
C ILE D 67 14.82 -6.74 7.04
N THR D 68 14.15 -7.02 5.92
CA THR D 68 14.77 -6.91 4.61
C THR D 68 13.97 -6.01 3.67
N VAL D 69 14.66 -5.14 2.95
CA VAL D 69 14.01 -4.33 1.94
C VAL D 69 14.05 -5.05 0.61
N LEU D 70 12.87 -5.23 0.00
CA LEU D 70 12.77 -5.90 -1.29
C LEU D 70 13.53 -5.12 -2.37
N LYS D 71 14.16 -5.83 -3.30
CA LYS D 71 14.15 -7.29 -3.33
C LYS D 71 15.53 -7.86 -3.60
N GLY D 72 16.55 -7.01 -3.53
CA GLY D 72 17.91 -7.43 -3.82
C GLY D 72 18.53 -8.34 -2.77
N ALA D 73 17.96 -8.33 -1.57
CA ALA D 73 18.56 -9.08 -0.47
C ALA D 73 17.74 -10.29 -0.04
N VAL D 74 16.77 -10.70 -0.86
CA VAL D 74 15.94 -11.85 -0.51
C VAL D 74 16.71 -13.17 -0.59
N LEU D 75 17.61 -13.29 -1.56
CA LEU D 75 18.45 -14.47 -1.66
C LEU D 75 19.36 -14.55 -0.45
N PHE D 76 19.91 -13.39 -0.08
CA PHE D 76 20.82 -13.31 1.06
C PHE D 76 20.13 -13.65 2.37
N VAL D 77 18.93 -13.12 2.58
CA VAL D 77 18.24 -13.31 3.86
C VAL D 77 17.76 -14.75 4.05
N THR D 78 17.43 -15.44 2.96
CA THR D 78 16.97 -16.82 3.06
C THR D 78 18.11 -17.75 3.44
N ASP D 79 19.29 -17.45 2.91
CA ASP D 79 20.48 -18.25 3.21
C ASP D 79 21.03 -17.89 4.58
N LEU D 80 21.03 -16.60 4.90
CA LEU D 80 21.57 -16.12 6.17
C LEU D 80 20.79 -16.67 7.35
N ALA D 81 19.47 -16.64 7.24
CA ALA D 81 18.60 -17.12 8.32
C ALA D 81 18.82 -18.60 8.61
N ARG D 82 19.09 -19.37 7.55
CA ARG D 82 19.37 -20.79 7.69
C ARG D 82 20.76 -21.01 8.27
N ALA D 83 21.61 -19.99 8.17
CA ALA D 83 22.96 -20.05 8.71
C ALA D 83 22.99 -19.61 10.18
N ILE D 84 21.94 -18.91 10.61
CA ILE D 84 21.83 -18.48 11.99
C ILE D 84 21.28 -19.59 12.89
N PRO D 85 22.08 -20.04 13.86
CA PRO D 85 21.72 -21.13 14.78
C PRO D 85 20.78 -20.68 15.90
N VAL D 86 20.00 -19.64 15.63
CA VAL D 86 19.03 -19.11 16.58
C VAL D 86 17.71 -18.91 15.85
N PRO D 87 16.58 -19.18 16.54
CA PRO D 87 15.25 -18.90 15.98
C PRO D 87 15.21 -17.54 15.29
N THR D 88 14.74 -17.53 14.05
CA THR D 88 14.78 -16.33 13.22
C THR D 88 13.46 -16.09 12.49
N GLN D 89 12.95 -14.87 12.58
CA GLN D 89 11.72 -14.51 11.88
C GLN D 89 12.01 -13.60 10.70
N PHE D 90 11.13 -13.63 9.70
CA PHE D 90 11.30 -12.79 8.52
C PHE D 90 10.32 -11.63 8.51
N GLU D 91 10.75 -10.50 7.95
CA GLU D 91 9.88 -9.36 7.75
C GLU D 91 10.36 -8.57 6.53
N PHE D 92 9.43 -8.17 5.67
CA PHE D 92 9.77 -7.51 4.43
C PHE D 92 9.18 -6.12 4.31
N MET D 93 9.93 -5.24 3.67
CA MET D 93 9.43 -3.92 3.29
C MET D 93 9.64 -3.70 1.80
N ALA D 94 8.69 -3.01 1.18
CA ALA D 94 8.87 -2.56 -0.20
C ALA D 94 8.87 -1.05 -0.21
N VAL D 95 9.83 -0.47 -0.92
CA VAL D 95 9.98 0.98 -0.98
C VAL D 95 10.15 1.47 -2.41
N SER D 96 10.05 2.79 -2.59
CA SER D 96 10.15 3.40 -3.91
C SER D 96 10.69 4.81 -3.82
N SER D 97 11.55 5.18 -4.78
CA SER D 97 12.15 6.50 -4.77
C SER D 97 11.12 7.59 -5.10
N TYR D 98 11.38 8.80 -4.62
CA TYR D 98 10.51 9.93 -4.91
C TYR D 98 11.04 10.71 -6.12
N GLY D 99 12.35 10.96 -6.13
CA GLY D 99 12.95 11.64 -7.27
C GLY D 99 14.25 12.37 -6.99
N SER D 100 14.18 13.70 -6.96
CA SER D 100 15.36 14.55 -6.97
C SER D 100 15.98 14.77 -5.59
N SER D 101 15.29 14.35 -4.54
CA SER D 101 15.78 14.55 -3.18
C SER D 101 16.08 13.24 -2.49
N THR D 102 15.59 12.14 -3.05
CA THR D 102 15.91 10.80 -2.56
C THR D 102 17.41 10.57 -2.70
N SER D 103 17.97 11.18 -3.74
CA SER D 103 19.41 11.10 -3.99
C SER D 103 20.18 12.04 -3.07
N SER D 104 19.47 12.73 -2.20
CA SER D 104 20.08 13.72 -1.31
C SER D 104 19.85 13.41 0.16
N SER D 105 18.67 12.90 0.49
CA SER D 105 18.32 12.65 1.89
C SER D 105 17.92 11.20 2.13
N GLY D 106 17.73 10.44 1.06
CA GLY D 106 17.40 9.04 1.17
C GLY D 106 15.98 8.78 1.66
N VAL D 107 15.19 9.84 1.78
CA VAL D 107 13.78 9.67 2.16
C VAL D 107 13.06 8.93 1.04
N VAL D 108 12.39 7.84 1.41
CA VAL D 108 11.88 6.93 0.40
C VAL D 108 10.41 6.63 0.69
N ARG D 109 9.65 6.33 -0.36
CA ARG D 109 8.22 6.05 -0.26
C ARG D 109 8.00 4.62 0.18
N ILE D 110 7.13 4.43 1.18
CA ILE D 110 6.80 3.10 1.66
C ILE D 110 5.62 2.49 0.88
N LEU D 111 5.89 1.41 0.16
CA LEU D 111 4.86 0.71 -0.60
C LEU D 111 4.31 -0.47 0.18
N LYS D 112 5.19 -1.12 0.94
CA LYS D 112 4.81 -2.24 1.79
C LYS D 112 5.51 -2.13 3.14
N ASP D 113 4.73 -1.90 4.17
CA ASP D 113 5.26 -1.71 5.52
C ASP D 113 5.39 -3.06 6.23
N LEU D 114 5.93 -3.04 7.44
CA LEU D 114 6.05 -4.26 8.24
C LEU D 114 4.67 -4.79 8.59
N ASP D 115 4.49 -6.11 8.50
CA ASP D 115 3.22 -6.72 8.84
C ASP D 115 3.01 -6.71 10.36
N ARG D 116 4.11 -6.81 11.10
CA ARG D 116 4.07 -6.83 12.56
C ARG D 116 4.81 -5.65 13.15
N ASP D 117 4.49 -5.32 14.39
CA ASP D 117 5.22 -4.27 15.10
C ASP D 117 6.53 -4.84 15.63
N ILE D 118 7.55 -4.00 15.70
CA ILE D 118 8.87 -4.45 16.13
C ILE D 118 9.22 -3.90 17.51
N HIS D 119 8.21 -3.52 18.27
CA HIS D 119 8.40 -2.93 19.59
C HIS D 119 9.05 -3.90 20.56
N GLY D 120 10.19 -3.49 21.12
CA GLY D 120 10.91 -4.31 22.08
C GLY D 120 11.49 -5.56 21.47
N ARG D 121 11.59 -5.58 20.15
CA ARG D 121 12.15 -6.71 19.43
C ARG D 121 13.63 -6.51 19.16
N ASP D 122 14.36 -7.61 19.03
CA ASP D 122 15.75 -7.53 18.60
C ASP D 122 15.79 -7.68 17.09
N VAL D 123 16.09 -6.56 16.43
CA VAL D 123 15.94 -6.45 14.98
C VAL D 123 17.27 -6.33 14.25
N LEU D 124 17.45 -7.15 13.22
CA LEU D 124 18.62 -7.06 12.36
C LEU D 124 18.21 -6.71 10.92
N ILE D 125 18.60 -5.53 10.47
CA ILE D 125 18.35 -5.13 9.08
C ILE D 125 19.28 -5.87 8.14
N VAL D 126 18.70 -6.62 7.20
CA VAL D 126 19.48 -7.37 6.23
C VAL D 126 19.53 -6.66 4.89
N GLU D 127 20.71 -6.15 4.53
CA GLU D 127 20.91 -5.42 3.28
C GLU D 127 21.72 -6.23 2.28
N ASP D 128 21.58 -5.89 1.00
CA ASP D 128 22.37 -6.52 -0.06
C ASP D 128 23.67 -5.76 -0.27
N VAL D 129 23.56 -4.46 -0.52
CA VAL D 129 24.74 -3.60 -0.67
C VAL D 129 24.54 -2.27 0.05
N VAL D 130 25.64 -1.68 0.51
CA VAL D 130 25.63 -0.35 1.09
C VAL D 130 26.69 0.52 0.44
N ASP D 131 26.25 1.54 -0.29
CA ASP D 131 27.16 2.48 -0.94
C ASP D 131 26.98 3.86 -0.33
N SER D 132 26.05 4.63 -0.89
CA SER D 132 25.71 5.94 -0.34
C SER D 132 25.16 5.78 1.08
N GLY D 133 24.38 4.72 1.28
CA GLY D 133 23.81 4.42 2.57
C GLY D 133 22.81 5.45 3.04
N LEU D 134 22.35 6.29 2.13
CA LEU D 134 21.38 7.33 2.44
C LEU D 134 20.05 6.71 2.85
N THR D 135 19.62 5.70 2.11
CA THR D 135 18.35 5.03 2.38
C THR D 135 18.42 4.21 3.66
N LEU D 136 19.51 3.48 3.84
CA LEU D 136 19.71 2.67 5.05
C LEU D 136 19.71 3.55 6.29
N SER D 137 20.34 4.72 6.18
CA SER D 137 20.37 5.70 7.25
C SER D 137 18.94 6.15 7.60
N TRP D 138 18.16 6.37 6.56
CA TRP D 138 16.78 6.82 6.70
C TRP D 138 15.89 5.71 7.28
N LEU D 139 16.14 4.47 6.87
CA LEU D 139 15.38 3.34 7.37
C LEU D 139 15.66 3.09 8.85
N SER D 140 16.93 3.25 9.23
CA SER D 140 17.34 3.08 10.63
C SER D 140 16.56 4.03 11.54
N ARG D 141 16.51 5.30 11.17
CA ARG D 141 15.80 6.30 11.95
C ARG D 141 14.32 5.99 12.02
N ASN D 142 13.77 5.45 10.91
CA ASN D 142 12.37 5.09 10.84
C ASN D 142 12.03 3.92 11.76
N LEU D 143 12.83 2.85 11.67
CA LEU D 143 12.62 1.67 12.49
C LEU D 143 12.91 1.95 13.97
N THR D 144 13.74 2.96 14.22
CA THR D 144 14.05 3.37 15.58
C THR D 144 12.82 4.00 16.24
N SER D 145 12.02 4.70 15.45
CA SER D 145 10.84 5.38 15.95
C SER D 145 9.73 4.40 16.37
N ARG D 146 9.92 3.12 16.08
CA ARG D 146 8.98 2.10 16.50
C ARG D 146 9.44 1.46 17.80
N ASN D 147 10.56 1.98 18.31
CA ASN D 147 11.13 1.58 19.60
C ASN D 147 11.40 0.09 19.75
N PRO D 148 12.38 -0.43 18.99
CA PRO D 148 12.78 -1.83 19.18
C PRO D 148 13.74 -1.97 20.37
N ARG D 149 13.98 -3.21 20.79
CA ARG D 149 14.90 -3.47 21.91
C ARG D 149 16.34 -3.26 21.47
N SER D 150 16.62 -3.57 20.20
CA SER D 150 17.94 -3.36 19.63
C SER D 150 17.86 -3.35 18.10
N LEU D 151 18.82 -2.69 17.47
CA LEU D 151 18.82 -2.55 16.02
C LEU D 151 20.21 -2.29 15.46
N ARG D 152 20.71 -3.23 14.66
CA ARG D 152 21.91 -2.99 13.87
C ARG D 152 21.76 -3.62 12.49
N VAL D 153 22.79 -3.43 11.66
CA VAL D 153 22.68 -3.76 10.24
C VAL D 153 23.65 -4.88 9.84
N CYS D 154 23.18 -5.79 8.99
CA CYS D 154 24.04 -6.79 8.37
C CYS D 154 23.96 -6.68 6.85
N THR D 155 25.05 -6.25 6.23
CA THR D 155 25.10 -6.16 4.78
C THR D 155 26.00 -7.24 4.19
N LEU D 156 25.64 -7.74 3.02
CA LEU D 156 26.46 -8.74 2.32
C LEU D 156 27.65 -8.07 1.65
N LEU D 157 27.41 -6.94 1.00
CA LEU D 157 28.46 -6.23 0.29
C LEU D 157 28.58 -4.78 0.75
N ARG D 158 29.81 -4.32 0.92
CA ARG D 158 30.06 -2.93 1.31
C ARG D 158 31.00 -2.23 0.34
N LYS D 159 30.51 -1.17 -0.27
CA LYS D 159 31.29 -0.40 -1.23
C LYS D 159 32.20 0.62 -0.52
N PRO D 160 33.26 1.09 -1.21
CA PRO D 160 34.26 1.98 -0.60
C PRO D 160 33.67 3.13 0.19
N ASP D 161 32.59 3.72 -0.32
CA ASP D 161 32.04 4.93 0.26
C ASP D 161 30.91 4.59 1.22
N ALA D 162 30.99 3.44 1.89
CA ALA D 162 30.02 3.13 2.94
C ALA D 162 30.53 3.65 4.28
N VAL D 163 31.59 4.46 4.22
CA VAL D 163 32.15 5.05 5.42
C VAL D 163 31.33 6.27 5.88
N HIS D 164 30.71 7.01 4.96
CA HIS D 164 29.89 8.15 5.37
C HIS D 164 28.65 7.67 6.12
N ALA D 165 27.57 7.54 5.36
CA ALA D 165 26.23 7.10 5.80
C ALA D 165 26.01 7.04 7.31
N ASN D 166 25.27 7.99 7.84
CA ASN D 166 25.00 8.07 9.27
C ASN D 166 24.37 6.79 9.83
N VAL D 167 25.13 5.70 9.80
CA VAL D 167 24.67 4.41 10.28
C VAL D 167 25.84 3.43 10.47
N GLU D 168 25.88 2.79 11.64
CA GLU D 168 26.92 1.82 11.93
C GLU D 168 26.47 0.41 11.52
N ILE D 169 27.33 -0.28 10.77
CA ILE D 169 27.03 -1.64 10.32
C ILE D 169 27.79 -2.66 11.17
N ALA D 170 27.05 -3.50 11.87
CA ALA D 170 27.66 -4.47 12.78
C ALA D 170 28.18 -5.71 12.07
N TYR D 171 27.55 -6.05 10.94
CA TYR D 171 27.94 -7.24 10.20
C TYR D 171 28.13 -6.95 8.71
N VAL D 172 29.32 -7.23 8.21
CA VAL D 172 29.65 -7.01 6.80
C VAL D 172 30.13 -8.30 6.15
N GLY D 173 29.53 -8.67 5.03
CA GLY D 173 29.91 -9.88 4.32
C GLY D 173 31.20 -9.70 3.55
N PHE D 174 31.21 -8.78 2.61
CA PHE D 174 32.40 -8.49 1.81
C PHE D 174 32.59 -7.00 1.58
N ASP D 175 33.83 -6.55 1.62
CA ASP D 175 34.18 -5.20 1.19
C ASP D 175 34.59 -5.24 -0.29
N ILE D 176 33.79 -4.60 -1.13
CA ILE D 176 33.96 -4.71 -2.58
C ILE D 176 34.37 -3.38 -3.20
N PRO D 177 34.96 -3.42 -4.41
CA PRO D 177 35.33 -2.18 -5.10
C PRO D 177 34.14 -1.30 -5.49
N ASN D 178 34.43 -0.22 -6.20
CA ASN D 178 33.45 0.80 -6.53
C ASN D 178 32.54 0.43 -7.71
N ASP D 179 33.07 -0.36 -8.64
CA ASP D 179 32.35 -0.67 -9.87
C ASP D 179 31.07 -1.48 -9.63
N PHE D 180 30.08 -1.24 -10.48
CA PHE D 180 28.76 -1.86 -10.37
C PHE D 180 28.83 -3.37 -10.55
N VAL D 181 28.20 -4.09 -9.62
CA VAL D 181 28.16 -5.55 -9.67
C VAL D 181 26.72 -6.05 -9.76
N VAL D 182 26.56 -7.27 -10.26
CA VAL D 182 25.24 -7.91 -10.32
C VAL D 182 25.31 -9.34 -9.82
N GLY D 183 24.14 -9.95 -9.64
CA GLY D 183 24.08 -11.34 -9.25
C GLY D 183 23.70 -11.53 -7.79
N TYR D 184 23.25 -12.74 -7.47
CA TYR D 184 22.83 -13.11 -6.11
C TYR D 184 21.89 -12.07 -5.51
N GLY D 185 20.77 -11.84 -6.17
CA GLY D 185 19.80 -10.88 -5.71
C GLY D 185 19.92 -9.52 -6.36
N LEU D 186 21.16 -9.10 -6.63
CA LEU D 186 21.42 -7.81 -7.25
C LEU D 186 21.05 -7.83 -8.74
N ASP D 187 20.62 -6.68 -9.25
CA ASP D 187 20.07 -6.63 -10.60
C ASP D 187 20.60 -5.49 -11.47
N TYR D 188 20.31 -5.61 -12.76
CA TYR D 188 20.37 -4.48 -13.68
C TYR D 188 19.11 -4.54 -14.54
N ASP D 189 18.18 -3.61 -14.31
CA ASP D 189 16.87 -3.61 -14.95
C ASP D 189 16.16 -4.94 -14.71
N GLU D 190 16.12 -5.34 -13.44
CA GLU D 190 15.42 -6.55 -12.99
C GLU D 190 16.00 -7.83 -13.55
N ARG D 191 17.26 -7.80 -13.99
CA ARG D 191 17.90 -9.01 -14.52
C ARG D 191 19.08 -9.45 -13.65
N TYR D 192 19.54 -10.67 -13.90
CA TYR D 192 20.75 -11.23 -13.27
C TYR D 192 20.59 -11.53 -11.77
N ARG D 193 19.39 -11.37 -11.25
CA ARG D 193 19.13 -11.65 -9.82
C ARG D 193 19.31 -13.12 -9.48
N ASP D 194 19.01 -14.00 -10.44
CA ASP D 194 18.94 -15.43 -10.18
C ASP D 194 20.29 -16.13 -10.21
N LEU D 195 21.36 -15.36 -10.41
CA LEU D 195 22.71 -15.94 -10.44
C LEU D 195 23.20 -16.32 -9.05
N SER D 196 23.87 -17.45 -8.94
CA SER D 196 24.39 -17.92 -7.66
C SER D 196 25.67 -17.20 -7.26
N TYR D 197 26.22 -16.44 -8.21
CA TYR D 197 27.47 -15.72 -7.98
C TYR D 197 27.30 -14.21 -8.20
N ILE D 198 28.27 -13.45 -7.72
CA ILE D 198 28.27 -12.00 -7.91
C ILE D 198 29.41 -11.60 -8.84
N GLY D 199 29.08 -10.83 -9.87
CA GLY D 199 30.09 -10.41 -10.84
C GLY D 199 29.81 -9.06 -11.43
N THR D 200 30.64 -8.65 -12.39
CA THR D 200 30.49 -7.37 -13.05
C THR D 200 30.04 -7.53 -14.49
N LEU D 201 29.24 -6.59 -14.97
CA LEU D 201 28.72 -6.63 -16.34
C LEU D 201 29.67 -5.96 -17.31
N ASP D 202 29.69 -6.44 -18.55
CA ASP D 202 30.47 -5.81 -19.60
C ASP D 202 29.75 -4.55 -20.06
N PRO D 203 30.48 -3.41 -20.07
CA PRO D 203 29.88 -2.07 -20.21
C PRO D 203 29.01 -1.89 -21.46
N ARG D 204 29.02 -2.87 -22.35
CA ARG D 204 28.20 -2.83 -23.55
C ARG D 204 26.71 -2.97 -23.21
N VAL D 205 26.43 -3.59 -22.07
CA VAL D 205 25.05 -3.81 -21.64
C VAL D 205 24.50 -2.57 -20.94
N TYR D 206 25.36 -1.85 -20.24
CA TYR D 206 24.97 -0.62 -19.57
C TYR D 206 24.66 0.48 -20.59
#